data_7Y9L
#
_entry.id   7Y9L
#
_cell.length_a   59.014
_cell.length_b   146.956
_cell.length_c   63.271
_cell.angle_alpha   90.000
_cell.angle_beta   98.070
_cell.angle_gamma   90.000
#
_symmetry.space_group_name_H-M   'P 1 21 1'
#
loop_
_entity.id
_entity.type
_entity.pdbx_description
1 polymer 'Bifunctional cytochrome P450/NADPH--P450 reductase'
2 non-polymer 5-nitro-2-oxidanyl-benzenecarbonitrile
3 non-polymer 'PROTOPORPHYRIN IX CONTAINING FE'
4 non-polymer 'NICKEL (II) ION'
5 water water
#
_entity_poly.entity_id   1
_entity_poly.type   'polypeptide(L)'
_entity_poly.pdbx_seq_one_letter_code
;AIKEMPQPKTFGELKNLPLLNTDKPVQALMKIADELGEIFKFEAPGRVTRYLSSQRLIKEACDESRFDKNLSQALKFVRD
FFGDGLFTSWTHEKNWKKAHNILLPSFSQQAMKGYHAMMVDIAVQLVQKWERLNADEHIEVPEDMTRLTLDTIGLCGFNY
RFNSFYRDQPHPFITSMVRALDEAMNKLQRANPDDPAYDENKRQFQEDIKVMNDLVDKIIADRKASGEQSDDLLTHMLNG
KDPETGEPLDDENIRYQIITFLIAGHETTSGLLSFALYFLVKNPHVLQKAAEEAARVLVDPVPSYKQVKQLKYVGMVLNE
ALRLWPTFPAFSLYAKEDTVLGGEYPLEKGDELMVLIPQLHRDKTIWGDDVEEFRPERFENPSAIPQHAFKPFGNGQRAC
IGQQFALHEATLVLGMMLKHFDFEDHTNYELDIKETLTLKPEGFVVKAKSKKIPLGG
;
_entity_poly.pdbx_strand_id   A,B
#
loop_
_chem_comp.id
_chem_comp.type
_chem_comp.name
_chem_comp.formula
6VP non-polymer 5-nitro-2-oxidanyl-benzenecarbonitrile 'C7 H4 N2 O3'
HEM non-polymer 'PROTOPORPHYRIN IX CONTAINING FE' 'C34 H32 Fe N4 O4'
NI non-polymer 'NICKEL (II) ION' 'Ni 2'
#
# COMPACT_ATOMS: atom_id res chain seq x y z
N MET A 5 -5.19 32.78 -14.80
CA MET A 5 -4.78 31.46 -15.27
C MET A 5 -4.70 31.46 -16.79
N PRO A 6 -3.58 30.97 -17.34
CA PRO A 6 -3.46 30.94 -18.81
C PRO A 6 -4.60 30.14 -19.41
N GLN A 7 -4.93 30.46 -20.66
CA GLN A 7 -5.99 29.79 -21.39
C GLN A 7 -5.64 29.83 -22.87
N PRO A 8 -5.79 28.72 -23.60
CA PRO A 8 -5.46 28.74 -25.03
C PRO A 8 -6.48 29.52 -25.86
N LYS A 9 -6.25 29.60 -27.17
CA LYS A 9 -7.05 30.47 -28.01
C LYS A 9 -8.51 30.02 -28.03
N THR A 10 -9.40 31.01 -28.12
CA THR A 10 -10.84 30.79 -28.05
C THR A 10 -11.50 31.06 -29.40
N PHE A 11 -12.75 30.61 -29.51
CA PHE A 11 -13.53 30.68 -30.75
C PHE A 11 -14.94 31.24 -30.45
N GLY A 12 -15.04 32.43 -29.85
CA GLY A 12 -16.36 32.98 -29.53
C GLY A 12 -17.09 32.12 -28.53
N GLU A 13 -18.39 31.92 -28.81
CA GLU A 13 -19.36 30.98 -28.20
C GLU A 13 -18.70 29.75 -27.69
N LEU A 14 -17.96 29.17 -28.62
CA LEU A 14 -17.48 27.81 -28.51
C LEU A 14 -16.33 27.72 -27.56
N LYS A 15 -15.84 28.88 -27.09
CA LYS A 15 -14.70 28.96 -26.19
C LYS A 15 -13.59 28.11 -26.77
N ASN A 16 -13.09 27.12 -26.01
CA ASN A 16 -11.96 26.32 -26.49
C ASN A 16 -12.37 25.04 -27.18
N LEU A 17 -13.66 24.72 -27.26
CA LEU A 17 -14.08 23.41 -27.76
C LEU A 17 -13.52 23.06 -29.13
N PRO A 18 -13.41 23.97 -30.10
CA PRO A 18 -12.86 23.55 -31.40
C PRO A 18 -11.41 23.09 -31.35
N LEU A 19 -10.67 23.37 -30.28
CA LEU A 19 -9.31 22.86 -30.19
C LEU A 19 -9.29 21.34 -30.08
N LEU A 20 -10.38 20.74 -29.65
CA LEU A 20 -10.51 19.30 -29.57
C LEU A 20 -10.99 18.68 -30.87
N ASN A 21 -11.28 19.50 -31.89
CA ASN A 21 -11.70 19.00 -33.20
C ASN A 21 -10.48 18.61 -34.03
N THR A 22 -9.82 17.55 -33.57
CA THR A 22 -8.59 17.05 -34.16
C THR A 22 -8.53 15.55 -33.93
N ASP A 23 -7.78 14.81 -34.75
CA ASP A 23 -7.73 13.35 -34.45
C ASP A 23 -6.71 13.08 -33.34
N LYS A 24 -5.93 14.09 -32.94
CA LYS A 24 -4.91 13.86 -31.91
C LYS A 24 -5.05 14.89 -30.80
N PRO A 25 -6.17 14.86 -30.05
CA PRO A 25 -6.39 15.87 -29.03
C PRO A 25 -5.39 15.85 -27.88
N VAL A 26 -4.94 14.68 -27.41
CA VAL A 26 -3.97 14.70 -26.32
C VAL A 26 -2.68 15.37 -26.77
N GLN A 27 -2.21 15.04 -27.99
CA GLN A 27 -0.98 15.67 -28.44
C GLN A 27 -1.19 17.17 -28.65
N ALA A 28 -2.41 17.58 -29.05
CA ALA A 28 -2.73 19.01 -29.12
C ALA A 28 -2.63 19.66 -27.74
N LEU A 29 -3.17 19.00 -26.72
CA LEU A 29 -3.12 19.53 -25.36
C LEU A 29 -1.70 19.58 -24.84
N MET A 30 -0.86 18.61 -25.24
CA MET A 30 0.54 18.68 -24.83
C MET A 30 1.21 19.92 -25.41
N LYS A 31 0.91 20.26 -26.65
CA LYS A 31 1.55 21.43 -27.26
C LYS A 31 1.06 22.71 -26.60
N ILE A 32 -0.22 22.75 -26.23
CA ILE A 32 -0.71 23.91 -25.47
C ILE A 32 -0.01 24.00 -24.13
N ALA A 33 0.20 22.86 -23.46
CA ALA A 33 0.90 22.90 -22.18
C ALA A 33 2.33 23.40 -22.35
N ASP A 34 2.98 23.03 -23.46
CA ASP A 34 4.32 23.55 -23.69
C ASP A 34 4.30 25.06 -23.78
N GLU A 35 3.26 25.61 -24.42
CA GLU A 35 3.17 27.05 -24.63
C GLU A 35 2.76 27.78 -23.35
N LEU A 36 1.83 27.22 -22.59
CA LEU A 36 1.24 27.95 -21.47
C LEU A 36 1.79 27.56 -20.10
N GLY A 37 2.39 26.40 -19.94
CA GLY A 37 3.00 26.09 -18.66
C GLY A 37 2.20 25.10 -17.83
N GLU A 38 2.41 25.17 -16.52
CA GLU A 38 2.00 24.09 -15.63
C GLU A 38 0.49 24.00 -15.44
N ILE A 39 -0.27 25.05 -15.76
CA ILE A 39 -1.72 24.98 -15.59
C ILE A 39 -2.37 25.88 -16.63
N PHE A 40 -3.49 25.41 -17.18
CA PHE A 40 -4.26 26.25 -18.08
C PHE A 40 -5.72 25.84 -18.02
N LYS A 41 -6.57 26.82 -18.16
CA LYS A 41 -8.02 26.65 -18.13
C LYS A 41 -8.48 26.25 -19.52
N PHE A 42 -9.43 25.33 -19.57
CA PHE A 42 -10.00 24.88 -20.87
C PHE A 42 -11.52 24.93 -20.73
N GLU A 43 -12.14 25.81 -21.52
CA GLU A 43 -13.61 25.98 -21.42
C GLU A 43 -14.30 25.51 -22.69
N ALA A 44 -15.47 24.93 -22.49
CA ALA A 44 -16.41 24.50 -23.55
C ALA A 44 -17.79 25.04 -23.15
N PRO A 45 -18.78 25.07 -24.06
CA PRO A 45 -20.10 25.54 -23.67
C PRO A 45 -20.64 24.70 -22.49
N GLY A 46 -20.81 25.33 -21.33
CA GLY A 46 -21.36 24.65 -20.14
C GLY A 46 -20.37 23.82 -19.34
N ARG A 47 -19.07 23.85 -19.65
CA ARG A 47 -18.13 23.03 -18.85
C ARG A 47 -16.74 23.66 -18.79
N VAL A 48 -16.06 23.52 -17.66
CA VAL A 48 -14.68 24.08 -17.48
C VAL A 48 -13.81 23.01 -16.82
N THR A 49 -12.56 22.92 -17.25
CA THR A 49 -11.58 22.02 -16.59
C THR A 49 -10.23 22.71 -16.59
N ARG A 50 -9.35 22.29 -15.68
CA ARG A 50 -7.99 22.88 -15.58
C ARG A 50 -6.99 21.76 -15.82
N TYR A 51 -6.15 21.93 -16.84
CA TYR A 51 -5.15 20.94 -17.20
C TYR A 51 -3.85 21.20 -16.44
N LEU A 52 -3.37 20.18 -15.72
CA LEU A 52 -2.16 20.31 -14.91
C LEU A 52 -1.02 19.52 -15.55
N SER A 53 0.18 20.09 -15.51
CA SER A 53 1.33 19.48 -16.17
C SER A 53 2.58 19.42 -15.32
N SER A 54 2.62 20.10 -14.17
CA SER A 54 3.81 20.10 -13.35
C SER A 54 3.64 19.18 -12.15
N GLN A 55 4.74 18.54 -11.75
CA GLN A 55 4.71 17.74 -10.54
C GLN A 55 4.36 18.58 -9.32
N ARG A 56 4.78 19.86 -9.31
CA ARG A 56 4.46 20.75 -8.19
C ARG A 56 2.95 20.81 -7.95
N LEU A 57 2.16 20.92 -9.01
CA LEU A 57 0.71 20.97 -8.82
C LEU A 57 0.08 19.59 -8.76
N ILE A 58 0.59 18.64 -9.55
CA ILE A 58 -0.04 17.34 -9.57
C ILE A 58 0.14 16.63 -8.24
N LYS A 59 1.25 16.87 -7.51
CA LYS A 59 1.38 16.26 -6.18
C LYS A 59 0.25 16.71 -5.25
N GLU A 60 -0.23 17.94 -5.39
CA GLU A 60 -1.39 18.36 -4.60
C GLU A 60 -2.67 17.74 -5.13
N ALA A 61 -2.82 17.66 -6.44
CA ALA A 61 -4.03 17.05 -7.00
C ALA A 61 -4.15 15.60 -6.57
N CYS A 62 -3.04 14.95 -6.28
CA CYS A 62 -3.08 13.53 -5.87
C CYS A 62 -3.32 13.36 -4.38
N ASP A 63 -3.55 14.44 -3.64
CA ASP A 63 -3.88 14.37 -2.23
C ASP A 63 -5.33 13.93 -2.12
N GLU A 64 -5.55 12.67 -1.73
CA GLU A 64 -6.89 12.12 -1.71
C GLU A 64 -7.78 12.74 -0.64
N SER A 65 -7.22 13.44 0.35
CA SER A 65 -8.09 14.12 1.31
C SER A 65 -8.75 15.35 0.69
N ARG A 66 -8.19 15.87 -0.42
CA ARG A 66 -8.68 17.08 -1.08
C ARG A 66 -9.35 16.82 -2.43
N PHE A 67 -8.96 15.77 -3.14
CA PHE A 67 -9.47 15.52 -4.49
C PHE A 67 -9.80 14.05 -4.66
N ASP A 68 -10.87 13.76 -5.40
CA ASP A 68 -11.29 12.39 -5.69
C ASP A 68 -11.29 12.18 -7.20
N LYS A 69 -11.32 10.92 -7.64
CA LYS A 69 -11.43 10.66 -9.07
C LYS A 69 -12.72 11.26 -9.64
N ASN A 70 -12.61 11.94 -10.77
CA ASN A 70 -13.73 12.48 -11.51
C ASN A 70 -14.01 11.63 -12.75
N LEU A 71 -15.29 11.54 -13.14
CA LEU A 71 -15.64 11.02 -14.45
C LEU A 71 -15.67 12.20 -15.41
N SER A 72 -14.62 12.32 -16.22
CA SER A 72 -14.59 13.31 -17.27
C SER A 72 -15.73 13.07 -18.25
N GLN A 73 -15.93 14.02 -19.15
CA GLN A 73 -16.96 13.85 -20.16
C GLN A 73 -16.68 12.60 -20.99
N ALA A 74 -15.40 12.33 -21.28
CA ALA A 74 -15.02 11.12 -22.00
C ALA A 74 -15.48 9.87 -21.26
N LEU A 75 -15.22 9.81 -19.95
CA LEU A 75 -15.58 8.60 -19.21
C LEU A 75 -17.08 8.45 -19.10
N LYS A 76 -17.82 9.57 -18.98
CA LYS A 76 -19.27 9.48 -18.95
C LYS A 76 -19.81 8.91 -20.25
N PHE A 77 -19.19 9.26 -21.37
CA PHE A 77 -19.62 8.69 -22.65
C PHE A 77 -19.34 7.18 -22.71
N VAL A 78 -18.14 6.75 -22.28
CA VAL A 78 -17.87 5.30 -22.37
C VAL A 78 -18.61 4.53 -21.28
N ARG A 79 -19.10 5.19 -20.23
CA ARG A 79 -19.97 4.52 -19.27
C ARG A 79 -21.21 3.94 -19.95
N ASP A 80 -21.53 4.36 -21.17
CA ASP A 80 -22.59 3.70 -21.93
C ASP A 80 -22.33 2.21 -22.14
N PHE A 81 -21.07 1.77 -22.25
CA PHE A 81 -20.83 0.32 -22.25
C PHE A 81 -20.07 -0.20 -21.03
N PHE A 82 -19.30 0.65 -20.34
CA PHE A 82 -18.58 0.23 -19.13
C PHE A 82 -19.47 0.27 -17.89
N GLY A 83 -20.60 0.96 -17.94
CA GLY A 83 -21.54 0.97 -16.83
C GLY A 83 -20.90 1.38 -15.53
N ASP A 84 -21.29 0.71 -14.44
CA ASP A 84 -20.66 0.96 -13.15
C ASP A 84 -19.63 -0.12 -12.83
N GLY A 85 -18.91 -0.58 -13.86
CA GLY A 85 -17.69 -1.34 -13.66
C GLY A 85 -16.67 -0.52 -12.87
N LEU A 86 -15.53 -1.13 -12.53
CA LEU A 86 -14.57 -0.46 -11.65
C LEU A 86 -14.06 0.86 -12.23
N PHE A 87 -13.86 0.90 -13.54
CA PHE A 87 -13.19 2.05 -14.16
C PHE A 87 -14.11 3.26 -14.26
N THR A 88 -15.41 3.05 -14.47
CA THR A 88 -16.32 4.16 -14.70
C THR A 88 -17.26 4.37 -13.53
N SER A 89 -16.95 3.80 -12.37
CA SER A 89 -17.75 4.07 -11.18
C SER A 89 -17.18 5.26 -10.39
N TRP A 90 -18.08 6.02 -9.76
CA TRP A 90 -17.63 6.99 -8.76
C TRP A 90 -17.16 6.25 -7.51
N THR A 91 -16.17 6.83 -6.83
CA THR A 91 -15.63 6.20 -5.63
C THR A 91 -16.73 5.93 -4.60
N HIS A 92 -17.75 6.78 -4.56
CA HIS A 92 -18.84 6.66 -3.61
C HIS A 92 -19.96 5.72 -4.05
N GLU A 93 -19.95 5.19 -5.26
CA GLU A 93 -21.00 4.23 -5.61
C GLU A 93 -20.70 2.92 -4.89
N LYS A 94 -21.76 2.33 -4.31
CA LYS A 94 -21.59 1.10 -3.54
C LYS A 94 -20.86 0.05 -4.35
N ASN A 95 -21.15 -0.05 -5.66
CA ASN A 95 -20.50 -1.10 -6.43
C ASN A 95 -19.02 -0.84 -6.65
N TRP A 96 -18.51 0.38 -6.42
CA TRP A 96 -17.06 0.55 -6.61
C TRP A 96 -16.29 -0.20 -5.52
N LYS A 97 -16.52 0.14 -4.24
CA LYS A 97 -15.71 -0.49 -3.21
C LYS A 97 -16.01 -1.99 -3.10
N LYS A 98 -17.25 -2.39 -3.36
CA LYS A 98 -17.58 -3.81 -3.38
C LYS A 98 -16.72 -4.56 -4.39
N ALA A 99 -16.73 -4.07 -5.64
CA ALA A 99 -15.98 -4.77 -6.69
C ALA A 99 -14.49 -4.67 -6.45
N HIS A 100 -14.03 -3.51 -5.96
CA HIS A 100 -12.63 -3.33 -5.60
C HIS A 100 -12.17 -4.40 -4.60
N ASN A 101 -12.93 -4.59 -3.52
CA ASN A 101 -12.56 -5.61 -2.53
C ASN A 101 -12.63 -7.02 -3.09
N ILE A 102 -13.63 -7.30 -3.92
CA ILE A 102 -13.81 -8.65 -4.42
C ILE A 102 -12.73 -9.00 -5.43
N LEU A 103 -12.32 -8.02 -6.24
CA LEU A 103 -11.42 -8.33 -7.37
C LEU A 103 -9.94 -8.11 -7.06
N LEU A 104 -9.60 -7.32 -6.04
CA LEU A 104 -8.19 -7.13 -5.70
C LEU A 104 -7.42 -8.42 -5.48
N PRO A 105 -7.97 -9.47 -4.86
CA PRO A 105 -7.19 -10.73 -4.72
C PRO A 105 -6.88 -11.41 -6.03
N SER A 106 -7.61 -11.10 -7.11
CA SER A 106 -7.25 -11.59 -8.43
C SER A 106 -5.96 -10.98 -8.96
N PHE A 107 -5.38 -10.05 -8.19
CA PHE A 107 -4.13 -9.36 -8.63
C PHE A 107 -3.05 -9.47 -7.54
N SER A 108 -3.19 -10.46 -6.66
CA SER A 108 -2.18 -10.70 -5.60
C SER A 108 -0.96 -11.40 -6.19
N GLN A 109 0.14 -11.49 -5.44
CA GLN A 109 1.33 -12.21 -5.93
C GLN A 109 0.94 -13.65 -6.28
N GLN A 110 0.19 -14.31 -5.38
CA GLN A 110 -0.27 -15.70 -5.61
C GLN A 110 -1.04 -15.77 -6.93
N ALA A 111 -1.96 -14.83 -7.16
CA ALA A 111 -2.76 -14.83 -8.39
C ALA A 111 -1.85 -14.65 -9.61
N MET A 112 -0.89 -13.72 -9.51
CA MET A 112 0.01 -13.47 -10.63
C MET A 112 0.80 -14.72 -10.99
N LYS A 113 1.32 -15.43 -9.99
CA LYS A 113 2.02 -16.69 -10.27
C LYS A 113 1.11 -17.67 -10.98
N GLY A 114 -0.18 -17.67 -10.63
CA GLY A 114 -1.15 -18.54 -11.28
C GLY A 114 -1.43 -18.18 -12.74
N TYR A 115 -1.27 -16.89 -13.10
CA TYR A 115 -1.49 -16.50 -14.50
C TYR A 115 -0.31 -16.83 -15.39
N HIS A 116 0.88 -17.03 -14.81
CA HIS A 116 2.11 -17.01 -15.59
C HIS A 116 2.09 -18.03 -16.72
N ALA A 117 1.64 -19.25 -16.44
CA ALA A 117 1.68 -20.30 -17.47
C ALA A 117 0.83 -19.94 -18.69
N MET A 118 -0.33 -19.35 -18.44
CA MET A 118 -1.20 -18.97 -19.54
C MET A 118 -0.65 -17.77 -20.30
N MET A 119 0.03 -16.84 -19.61
CA MET A 119 0.74 -15.76 -20.32
C MET A 119 1.80 -16.35 -21.24
N VAL A 120 2.55 -17.35 -20.76
CA VAL A 120 3.55 -18.00 -21.62
C VAL A 120 2.89 -18.66 -22.82
N ASP A 121 1.73 -19.31 -22.63
CA ASP A 121 1.00 -19.94 -23.74
C ASP A 121 0.80 -18.96 -24.89
N ILE A 122 0.35 -17.74 -24.59
CA ILE A 122 0.11 -16.78 -25.65
C ILE A 122 1.44 -16.21 -26.15
N ALA A 123 2.40 -15.97 -25.25
CA ALA A 123 3.69 -15.43 -25.70
C ALA A 123 4.37 -16.38 -26.67
N VAL A 124 4.30 -17.68 -26.38
CA VAL A 124 4.88 -18.65 -27.31
C VAL A 124 4.20 -18.60 -28.66
N GLN A 125 2.88 -18.39 -28.71
CA GLN A 125 2.22 -18.25 -30.00
C GLN A 125 2.75 -17.05 -30.76
N LEU A 126 2.98 -15.91 -30.09
CA LEU A 126 3.59 -14.77 -30.79
C LEU A 126 4.98 -15.12 -31.32
N VAL A 127 5.83 -15.73 -30.48
CA VAL A 127 7.18 -16.04 -30.93
C VAL A 127 7.15 -17.00 -32.12
N GLN A 128 6.27 -18.02 -32.06
CA GLN A 128 6.15 -18.95 -33.18
C GLN A 128 5.68 -18.25 -34.46
N LYS A 129 4.73 -17.33 -34.36
CA LYS A 129 4.30 -16.60 -35.55
C LYS A 129 5.48 -15.92 -36.24
N TRP A 130 6.30 -15.20 -35.47
CA TRP A 130 7.42 -14.47 -36.05
C TRP A 130 8.51 -15.42 -36.53
N GLU A 131 8.74 -16.52 -35.82
CA GLU A 131 9.71 -17.51 -36.29
C GLU A 131 9.29 -18.14 -37.61
N ARG A 132 8.00 -18.16 -37.91
CA ARG A 132 7.50 -18.83 -39.11
C ARG A 132 7.36 -17.89 -40.29
N LEU A 133 7.68 -16.60 -40.13
CA LEU A 133 7.64 -15.69 -41.25
C LEU A 133 8.73 -16.03 -42.27
N ASN A 134 8.44 -15.77 -43.54
CA ASN A 134 9.46 -15.93 -44.55
C ASN A 134 10.40 -14.73 -44.56
N ALA A 135 11.50 -14.87 -45.29
CA ALA A 135 12.41 -13.74 -45.50
C ALA A 135 11.67 -12.56 -46.10
N ASP A 136 12.07 -11.35 -45.70
CA ASP A 136 11.54 -10.11 -46.26
C ASP A 136 10.11 -9.79 -45.80
N GLU A 137 9.51 -10.61 -44.95
CA GLU A 137 8.17 -10.29 -44.46
C GLU A 137 8.24 -9.31 -43.29
N HIS A 138 7.28 -8.39 -43.25
CA HIS A 138 7.17 -7.36 -42.22
C HIS A 138 6.35 -7.89 -41.07
N ILE A 139 6.56 -7.31 -39.89
CA ILE A 139 5.71 -7.51 -38.72
C ILE A 139 4.92 -6.23 -38.51
N GLU A 140 3.60 -6.34 -38.38
CA GLU A 140 2.74 -5.21 -38.05
C GLU A 140 2.63 -5.17 -36.52
N VAL A 141 3.37 -4.25 -35.90
CA VAL A 141 3.67 -4.37 -34.48
C VAL A 141 2.43 -4.13 -33.62
N PRO A 142 1.73 -3.00 -33.71
CA PRO A 142 0.57 -2.83 -32.81
C PRO A 142 -0.47 -3.88 -33.04
N GLU A 143 -0.60 -4.34 -34.29
CA GLU A 143 -1.57 -5.38 -34.61
C GLU A 143 -1.24 -6.68 -33.90
N ASP A 144 0.04 -7.12 -33.94
CA ASP A 144 0.39 -8.35 -33.24
C ASP A 144 0.41 -8.15 -31.72
N MET A 145 0.78 -6.95 -31.23
CA MET A 145 0.70 -6.76 -29.78
C MET A 145 -0.73 -6.81 -29.30
N THR A 146 -1.68 -6.33 -30.12
CA THR A 146 -3.09 -6.42 -29.74
C THR A 146 -3.58 -7.86 -29.81
N ARG A 147 -3.08 -8.65 -30.78
CA ARG A 147 -3.40 -10.09 -30.77
C ARG A 147 -2.94 -10.71 -29.47
N LEU A 148 -1.71 -10.40 -29.04
CA LEU A 148 -1.15 -10.99 -27.83
C LEU A 148 -1.91 -10.55 -26.58
N THR A 149 -2.13 -9.25 -26.42
CA THR A 149 -2.69 -8.79 -25.14
C THR A 149 -4.16 -9.17 -25.02
N LEU A 150 -4.93 -9.12 -26.11
CA LEU A 150 -6.33 -9.57 -26.05
C LEU A 150 -6.39 -11.04 -25.67
N ASP A 151 -5.59 -11.87 -26.34
CA ASP A 151 -5.65 -13.29 -26.03
C ASP A 151 -5.24 -13.56 -24.59
N THR A 152 -4.26 -12.78 -24.08
CA THR A 152 -3.78 -13.01 -22.73
C THR A 152 -4.84 -12.68 -21.68
N ILE A 153 -5.50 -11.51 -21.79
CA ILE A 153 -6.56 -11.22 -20.82
C ILE A 153 -7.71 -12.21 -20.95
N GLY A 154 -8.03 -12.63 -22.20
CA GLY A 154 -9.09 -13.62 -22.38
C GLY A 154 -8.81 -14.93 -21.67
N LEU A 155 -7.58 -15.45 -21.81
CA LEU A 155 -7.24 -16.76 -21.24
C LEU A 155 -7.04 -16.67 -19.73
N CYS A 156 -6.20 -15.73 -19.29
CA CYS A 156 -5.86 -15.60 -17.88
C CYS A 156 -7.07 -15.17 -17.08
N GLY A 157 -7.88 -14.26 -17.62
CA GLY A 157 -9.00 -13.74 -16.85
C GLY A 157 -10.25 -14.58 -16.93
N PHE A 158 -10.47 -15.24 -18.08
CA PHE A 158 -11.79 -15.79 -18.36
C PHE A 158 -11.76 -17.19 -18.92
N ASN A 159 -10.58 -17.81 -19.03
CA ASN A 159 -10.41 -19.12 -19.63
C ASN A 159 -11.11 -19.18 -20.98
N TYR A 160 -11.01 -18.09 -21.73
CA TYR A 160 -11.64 -17.95 -23.03
C TYR A 160 -10.57 -17.70 -24.08
N ARG A 161 -10.62 -18.43 -25.21
CA ARG A 161 -9.60 -18.23 -26.25
C ARG A 161 -10.13 -17.36 -27.39
N PHE A 162 -9.57 -16.15 -27.53
CA PHE A 162 -9.93 -15.34 -28.67
C PHE A 162 -9.29 -15.86 -29.96
N ASN A 163 -8.18 -16.58 -29.84
CA ASN A 163 -7.48 -17.17 -30.98
C ASN A 163 -7.14 -16.11 -32.02
N SER A 164 -6.59 -14.99 -31.53
CA SER A 164 -6.31 -13.89 -32.44
C SER A 164 -5.17 -14.18 -33.39
N PHE A 165 -4.26 -15.10 -33.03
CA PHE A 165 -3.18 -15.43 -33.95
C PHE A 165 -3.64 -16.38 -35.07
N TYR A 166 -4.91 -16.76 -35.04
CA TYR A 166 -5.49 -17.59 -36.13
C TYR A 166 -6.28 -16.70 -37.09
N ARG A 167 -6.21 -15.39 -36.88
CA ARG A 167 -6.87 -14.41 -37.84
CA ARG A 167 -6.83 -14.38 -37.80
C ARG A 167 -5.88 -13.30 -38.44
N ASP A 168 -6.11 -13.07 -39.74
CA ASP A 168 -5.23 -12.08 -40.41
C ASP A 168 -5.87 -10.69 -40.25
N GLN A 169 -7.17 -10.68 -39.96
CA GLN A 169 -7.91 -9.42 -39.74
C GLN A 169 -8.16 -9.28 -38.24
N PRO A 170 -8.46 -8.08 -37.70
CA PRO A 170 -8.69 -7.96 -36.28
C PRO A 170 -9.93 -8.75 -35.86
N HIS A 171 -9.93 -9.23 -34.61
CA HIS A 171 -11.08 -9.87 -34.02
C HIS A 171 -12.28 -8.92 -34.03
N PRO A 172 -13.49 -9.41 -34.30
CA PRO A 172 -14.66 -8.51 -34.33
C PRO A 172 -14.89 -7.72 -33.06
N PHE A 173 -14.54 -8.26 -31.89
CA PHE A 173 -14.60 -7.49 -30.66
C PHE A 173 -13.73 -6.24 -30.76
N ILE A 174 -12.51 -6.39 -31.30
CA ILE A 174 -11.58 -5.26 -31.40
C ILE A 174 -12.15 -4.17 -32.32
N THR A 175 -12.67 -4.59 -33.48
CA THR A 175 -13.20 -3.61 -34.42
C THR A 175 -14.29 -2.76 -33.79
N SER A 176 -15.20 -3.40 -33.04
CA SER A 176 -16.27 -2.65 -32.40
C SER A 176 -15.76 -1.82 -31.23
N MET A 177 -14.85 -2.37 -30.44
CA MET A 177 -14.25 -1.60 -29.34
C MET A 177 -13.62 -0.33 -29.86
N VAL A 178 -12.82 -0.43 -30.93
CA VAL A 178 -12.13 0.74 -31.44
C VAL A 178 -13.13 1.78 -31.93
N ARG A 179 -14.18 1.34 -32.63
CA ARG A 179 -15.17 2.29 -33.14
C ARG A 179 -15.94 2.93 -32.01
N ALA A 180 -16.28 2.16 -30.97
CA ALA A 180 -17.01 2.71 -29.83
C ALA A 180 -16.17 3.73 -29.08
N LEU A 181 -14.90 3.41 -28.81
CA LEU A 181 -14.00 4.36 -28.18
C LEU A 181 -13.81 5.60 -29.04
N ASP A 182 -13.57 5.40 -30.34
CA ASP A 182 -13.32 6.54 -31.21
C ASP A 182 -14.56 7.42 -31.33
N GLU A 183 -15.75 6.79 -31.28
CA GLU A 183 -16.99 7.55 -31.27
C GLU A 183 -17.10 8.42 -30.02
N ALA A 184 -16.69 7.87 -28.88
CA ALA A 184 -16.75 8.63 -27.62
C ALA A 184 -15.80 9.83 -27.70
N MET A 185 -14.57 9.63 -28.19
CA MET A 185 -13.57 10.73 -28.29
C MET A 185 -14.07 11.79 -29.29
N ASN A 186 -14.73 11.34 -30.36
CA ASN A 186 -15.23 12.26 -31.42
C ASN A 186 -16.45 13.03 -30.90
N LYS A 187 -17.18 12.47 -29.93
CA LYS A 187 -18.38 13.10 -29.34
C LYS A 187 -17.99 14.25 -28.39
N LEU A 188 -16.72 14.32 -27.99
CA LEU A 188 -16.26 15.39 -27.07
C LEU A 188 -16.20 16.73 -27.80
N GLN A 189 -16.01 16.72 -29.12
CA GLN A 189 -15.85 18.00 -29.86
C GLN A 189 -17.17 18.44 -30.50
N ARG A 190 -18.24 17.68 -30.32
CA ARG A 190 -19.55 18.06 -30.93
C ARG A 190 -20.16 19.24 -30.16
N ALA A 191 -20.24 20.41 -30.80
CA ALA A 191 -20.83 21.60 -30.15
C ALA A 191 -22.31 21.34 -29.86
N ASN A 192 -23.00 20.63 -30.78
CA ASN A 192 -24.44 20.29 -30.61
C ASN A 192 -24.61 18.77 -30.77
N PRO A 193 -24.31 17.97 -29.74
CA PRO A 193 -24.41 16.50 -29.78
C PRO A 193 -25.74 15.85 -30.24
N ASP A 194 -26.87 16.54 -30.10
CA ASP A 194 -28.15 15.91 -30.54
C ASP A 194 -28.50 16.34 -31.97
N ASP A 195 -27.56 16.96 -32.68
CA ASP A 195 -27.80 17.33 -34.09
C ASP A 195 -28.16 16.06 -34.84
N PRO A 196 -29.20 16.03 -35.71
CA PRO A 196 -29.59 14.82 -36.48
C PRO A 196 -28.60 14.24 -37.51
N ALA A 197 -27.48 14.94 -37.77
CA ALA A 197 -26.38 14.56 -38.66
C ALA A 197 -25.51 13.48 -38.02
N TYR A 198 -25.65 13.27 -36.70
CA TYR A 198 -24.91 12.23 -35.95
C TYR A 198 -25.84 11.07 -35.58
N ASP A 199 -27.05 10.99 -36.18
CA ASP A 199 -27.98 9.92 -35.83
C ASP A 199 -27.58 8.56 -36.38
N GLU A 200 -26.53 8.45 -37.22
CA GLU A 200 -26.08 7.09 -37.50
C GLU A 200 -24.72 6.80 -36.90
N ASN A 201 -23.96 7.82 -36.51
CA ASN A 201 -22.96 7.61 -35.47
C ASN A 201 -23.59 6.94 -34.27
N LYS A 202 -24.81 7.37 -33.91
CA LYS A 202 -25.49 6.79 -32.76
C LYS A 202 -25.99 5.38 -33.04
N ARG A 203 -26.48 5.12 -34.25
CA ARG A 203 -26.77 3.75 -34.66
C ARG A 203 -25.54 2.85 -34.55
N GLN A 204 -24.44 3.27 -35.17
CA GLN A 204 -23.23 2.46 -35.17
C GLN A 204 -22.74 2.18 -33.75
N PHE A 205 -22.79 3.21 -32.89
CA PHE A 205 -22.39 3.05 -31.50
C PHE A 205 -23.13 1.91 -30.81
N GLN A 206 -24.46 1.89 -30.93
CA GLN A 206 -25.25 0.85 -30.27
C GLN A 206 -24.98 -0.53 -30.85
N GLU A 207 -24.69 -0.62 -32.16
CA GLU A 207 -24.35 -1.92 -32.73
C GLU A 207 -23.01 -2.42 -32.19
N ASP A 208 -22.04 -1.53 -32.04
CA ASP A 208 -20.75 -1.92 -31.50
C ASP A 208 -20.86 -2.36 -30.04
N ILE A 209 -21.74 -1.72 -29.27
CA ILE A 209 -21.95 -2.14 -27.89
C ILE A 209 -22.60 -3.51 -27.85
N LYS A 210 -23.52 -3.79 -28.77
CA LYS A 210 -24.13 -5.11 -28.81
C LYS A 210 -23.11 -6.19 -29.18
N VAL A 211 -22.20 -5.90 -30.12
CA VAL A 211 -21.14 -6.85 -30.45
C VAL A 211 -20.36 -7.23 -29.19
N MET A 212 -19.95 -6.21 -28.41
CA MET A 212 -19.18 -6.49 -27.21
C MET A 212 -19.98 -7.29 -26.19
N ASN A 213 -21.26 -6.93 -26.01
CA ASN A 213 -22.08 -7.62 -25.00
C ASN A 213 -22.40 -9.05 -25.42
N ASP A 214 -22.53 -9.31 -26.72
CA ASP A 214 -22.71 -10.69 -27.17
C ASP A 214 -21.52 -11.55 -26.79
N LEU A 215 -20.30 -11.02 -26.98
CA LEU A 215 -19.11 -11.76 -26.55
C LEU A 215 -19.13 -12.02 -25.05
N VAL A 216 -19.45 -10.99 -24.28
CA VAL A 216 -19.62 -11.17 -22.83
C VAL A 216 -20.60 -12.29 -22.54
N ASP A 217 -21.72 -12.31 -23.26
CA ASP A 217 -22.68 -13.39 -23.09
C ASP A 217 -22.04 -14.76 -23.32
N LYS A 218 -21.19 -14.88 -24.35
CA LYS A 218 -20.60 -16.20 -24.59
C LYS A 218 -19.64 -16.59 -23.49
N ILE A 219 -18.83 -15.64 -23.00
CA ILE A 219 -17.88 -15.98 -21.95
C ILE A 219 -18.62 -16.49 -20.71
N ILE A 220 -19.75 -15.86 -20.37
CA ILE A 220 -20.52 -16.28 -19.22
C ILE A 220 -21.11 -17.67 -19.44
N ALA A 221 -21.64 -17.92 -20.65
CA ALA A 221 -22.18 -19.23 -20.99
C ALA A 221 -21.12 -20.32 -20.91
N ASP A 222 -19.95 -20.09 -21.53
CA ASP A 222 -18.88 -21.08 -21.50
C ASP A 222 -18.49 -21.45 -20.07
N ARG A 223 -18.38 -20.44 -19.21
CA ARG A 223 -18.09 -20.72 -17.80
C ARG A 223 -19.21 -21.54 -17.18
N LYS A 224 -20.46 -21.21 -17.50
CA LYS A 224 -21.59 -21.94 -16.94
C LYS A 224 -21.54 -23.42 -17.34
N ALA A 225 -21.27 -23.69 -18.62
CA ALA A 225 -21.26 -25.04 -19.18
C ALA A 225 -19.90 -25.73 -19.13
N SER A 226 -18.95 -25.24 -18.33
CA SER A 226 -17.59 -25.77 -18.34
C SER A 226 -17.41 -26.83 -17.27
N GLY A 227 -16.86 -27.98 -17.67
CA GLY A 227 -16.53 -29.03 -16.75
C GLY A 227 -15.08 -29.02 -16.29
N GLU A 228 -14.55 -27.82 -16.08
CA GLU A 228 -13.18 -27.62 -15.64
C GLU A 228 -13.16 -26.63 -14.49
N GLN A 229 -12.31 -26.89 -13.49
CA GLN A 229 -12.17 -26.06 -12.31
C GLN A 229 -11.29 -24.86 -12.66
N SER A 230 -11.90 -23.67 -12.76
CA SER A 230 -11.10 -22.45 -12.87
C SER A 230 -11.09 -21.72 -11.54
N ASP A 231 -10.00 -21.02 -11.29
CA ASP A 231 -9.85 -20.10 -10.17
C ASP A 231 -9.20 -18.84 -10.71
N ASP A 232 -9.93 -18.13 -11.56
CA ASP A 232 -9.40 -16.95 -12.23
C ASP A 232 -10.25 -15.73 -11.88
N LEU A 233 -10.02 -14.64 -12.62
CA LEU A 233 -10.74 -13.40 -12.41
C LEU A 233 -12.26 -13.59 -12.50
N LEU A 234 -12.71 -14.34 -13.49
CA LEU A 234 -14.15 -14.55 -13.63
C LEU A 234 -14.70 -15.37 -12.47
N THR A 235 -13.93 -16.33 -11.97
CA THR A 235 -14.39 -17.07 -10.79
C THR A 235 -14.70 -16.12 -9.64
N HIS A 236 -13.83 -15.12 -9.43
CA HIS A 236 -14.02 -14.20 -8.32
C HIS A 236 -15.20 -13.26 -8.58
N MET A 237 -15.38 -12.81 -9.84
CA MET A 237 -16.57 -12.02 -10.17
C MET A 237 -17.84 -12.78 -9.82
N LEU A 238 -17.90 -14.07 -10.18
CA LEU A 238 -19.13 -14.82 -10.04
C LEU A 238 -19.36 -15.35 -8.62
N ASN A 239 -18.30 -15.54 -7.82
CA ASN A 239 -18.43 -16.18 -6.51
C ASN A 239 -17.96 -15.36 -5.33
N GLY A 240 -17.10 -14.36 -5.53
CA GLY A 240 -16.46 -13.71 -4.40
C GLY A 240 -17.42 -12.81 -3.63
N LYS A 241 -17.18 -12.71 -2.33
CA LYS A 241 -18.01 -11.87 -1.47
C LYS A 241 -17.16 -10.75 -0.90
N ASP A 242 -17.73 -9.55 -0.90
CA ASP A 242 -17.03 -8.41 -0.36
C ASP A 242 -16.88 -8.58 1.15
N PRO A 243 -15.66 -8.53 1.69
CA PRO A 243 -15.51 -8.66 3.15
C PRO A 243 -16.25 -7.61 3.95
N GLU A 244 -16.45 -6.40 3.41
CA GLU A 244 -17.10 -5.35 4.20
C GLU A 244 -18.62 -5.51 4.23
N THR A 245 -19.26 -5.59 3.06
CA THR A 245 -20.71 -5.75 3.01
C THR A 245 -21.14 -7.21 3.18
N GLY A 246 -20.25 -8.17 2.96
CA GLY A 246 -20.64 -9.56 2.89
C GLY A 246 -21.38 -9.94 1.63
N GLU A 247 -21.50 -9.00 0.63
CA GLU A 247 -22.33 -9.25 -0.53
C GLU A 247 -21.46 -9.61 -1.74
N PRO A 248 -21.99 -10.42 -2.64
CA PRO A 248 -21.34 -10.65 -3.94
C PRO A 248 -21.80 -9.59 -4.94
N LEU A 249 -21.15 -9.59 -6.11
CA LEU A 249 -21.61 -8.71 -7.18
C LEU A 249 -22.91 -9.24 -7.79
N ASP A 250 -23.79 -8.32 -8.22
CA ASP A 250 -24.97 -8.78 -8.92
C ASP A 250 -24.68 -8.96 -10.41
N ASP A 251 -25.63 -9.59 -11.11
CA ASP A 251 -25.40 -10.02 -12.49
C ASP A 251 -25.13 -8.85 -13.42
N GLU A 252 -25.87 -7.74 -13.26
CA GLU A 252 -25.68 -6.61 -14.15
C GLU A 252 -24.27 -6.04 -13.97
N ASN A 253 -23.81 -5.90 -12.73
CA ASN A 253 -22.45 -5.40 -12.52
C ASN A 253 -21.40 -6.36 -13.07
N ILE A 254 -21.62 -7.67 -12.90
CA ILE A 254 -20.66 -8.66 -13.44
C ILE A 254 -20.44 -8.43 -14.93
N ARG A 255 -21.53 -8.19 -15.67
CA ARG A 255 -21.41 -7.98 -17.13
C ARG A 255 -20.53 -6.75 -17.40
N TYR A 256 -20.73 -5.68 -16.63
CA TYR A 256 -19.93 -4.48 -16.82
C TYR A 256 -18.47 -4.73 -16.49
N GLN A 257 -18.20 -5.56 -15.46
CA GLN A 257 -16.81 -5.85 -15.11
C GLN A 257 -16.14 -6.63 -16.22
N ILE A 258 -16.88 -7.56 -16.85
CA ILE A 258 -16.24 -8.37 -17.89
C ILE A 258 -15.83 -7.48 -19.07
N ILE A 259 -16.74 -6.61 -19.53
CA ILE A 259 -16.37 -5.68 -20.60
C ILE A 259 -15.20 -4.80 -20.17
N THR A 260 -15.28 -4.26 -18.95
CA THR A 260 -14.23 -3.37 -18.46
C THR A 260 -12.87 -4.05 -18.50
N PHE A 261 -12.77 -5.26 -17.95
CA PHE A 261 -11.47 -5.93 -17.90
C PHE A 261 -11.00 -6.43 -19.28
N LEU A 262 -11.92 -6.85 -20.16
CA LEU A 262 -11.47 -7.23 -21.51
C LEU A 262 -10.82 -6.05 -22.21
N ILE A 263 -11.38 -4.87 -22.07
CA ILE A 263 -10.84 -3.70 -22.75
C ILE A 263 -9.63 -3.17 -22.00
N ALA A 264 -9.83 -2.83 -20.73
CA ALA A 264 -8.75 -2.27 -19.93
C ALA A 264 -7.57 -3.22 -19.83
N GLY A 265 -7.87 -4.52 -19.78
CA GLY A 265 -6.84 -5.51 -19.58
C GLY A 265 -5.98 -5.77 -20.79
N HIS A 266 -6.28 -5.19 -21.96
CA HIS A 266 -5.39 -5.45 -23.09
C HIS A 266 -4.95 -4.20 -23.84
N GLU A 267 -5.81 -3.18 -23.94
CA GLU A 267 -5.54 -2.12 -24.92
C GLU A 267 -4.29 -1.32 -24.55
N THR A 268 -4.20 -0.85 -23.31
CA THR A 268 -3.04 -0.04 -22.93
C THR A 268 -1.75 -0.85 -22.90
N THR A 269 -1.84 -2.15 -22.61
CA THR A 269 -0.65 -2.99 -22.62
C THR A 269 -0.18 -3.21 -24.04
N SER A 270 -1.11 -3.31 -24.99
CA SER A 270 -0.67 -3.40 -26.38
C SER A 270 0.04 -2.12 -26.81
N GLY A 271 -0.51 -0.95 -26.44
CA GLY A 271 0.22 0.29 -26.67
C GLY A 271 1.61 0.29 -26.05
N LEU A 272 1.72 -0.11 -24.79
CA LEU A 272 3.02 -0.09 -24.11
C LEU A 272 4.03 -0.94 -24.86
N LEU A 273 3.64 -2.15 -25.22
CA LEU A 273 4.56 -3.05 -25.92
C LEU A 273 5.00 -2.43 -27.25
N SER A 274 4.05 -1.82 -27.95
CA SER A 274 4.37 -1.18 -29.24
C SER A 274 5.32 0.00 -29.04
N PHE A 275 5.06 0.87 -28.05
CA PHE A 275 5.98 1.97 -27.81
C PHE A 275 7.35 1.46 -27.37
N ALA A 276 7.38 0.41 -26.53
CA ALA A 276 8.67 -0.10 -26.07
C ALA A 276 9.50 -0.61 -27.23
N LEU A 277 8.90 -1.37 -28.14
CA LEU A 277 9.65 -1.90 -29.28
C LEU A 277 10.10 -0.77 -30.20
N TYR A 278 9.25 0.25 -30.37
CA TYR A 278 9.63 1.43 -31.14
C TYR A 278 10.89 2.07 -30.57
N PHE A 279 10.89 2.35 -29.27
CA PHE A 279 12.06 2.99 -28.69
C PHE A 279 13.28 2.08 -28.73
N LEU A 280 13.09 0.76 -28.60
CA LEU A 280 14.25 -0.11 -28.67
C LEU A 280 14.90 -0.05 -30.04
N VAL A 281 14.11 -0.13 -31.11
CA VAL A 281 14.75 -0.13 -32.44
C VAL A 281 15.28 1.24 -32.80
N LYS A 282 14.78 2.30 -32.17
CA LYS A 282 15.34 3.62 -32.41
C LYS A 282 16.59 3.91 -31.57
N ASN A 283 16.94 3.03 -30.65
CA ASN A 283 18.01 3.25 -29.69
C ASN A 283 18.83 1.96 -29.57
N PRO A 284 19.65 1.67 -30.58
CA PRO A 284 20.30 0.34 -30.67
C PRO A 284 21.16 -0.03 -29.47
N HIS A 285 21.82 0.92 -28.80
CA HIS A 285 22.61 0.57 -27.63
C HIS A 285 21.71 0.11 -26.48
N VAL A 286 20.52 0.70 -26.37
CA VAL A 286 19.57 0.27 -25.35
C VAL A 286 19.03 -1.12 -25.69
N LEU A 287 18.71 -1.35 -26.98
CA LEU A 287 18.27 -2.66 -27.44
C LEU A 287 19.31 -3.72 -27.12
N GLN A 288 20.59 -3.41 -27.37
CA GLN A 288 21.66 -4.36 -27.11
C GLN A 288 21.72 -4.72 -25.64
N LYS A 289 21.64 -3.71 -24.77
CA LYS A 289 21.68 -3.93 -23.32
C LYS A 289 20.51 -4.80 -22.88
N ALA A 290 19.31 -4.52 -23.41
CA ALA A 290 18.15 -5.32 -23.03
C ALA A 290 18.27 -6.75 -23.54
N ALA A 291 18.75 -6.91 -24.77
CA ALA A 291 18.95 -8.24 -25.34
C ALA A 291 19.98 -9.04 -24.55
N GLU A 292 21.05 -8.38 -24.08
CA GLU A 292 22.06 -9.07 -23.28
C GLU A 292 21.45 -9.57 -21.98
N GLU A 293 20.60 -8.76 -21.36
CA GLU A 293 19.91 -9.21 -20.16
C GLU A 293 19.02 -10.40 -20.45
N ALA A 294 18.24 -10.31 -21.53
CA ALA A 294 17.33 -11.41 -21.86
C ALA A 294 18.12 -12.70 -22.06
N ALA A 295 19.25 -12.63 -22.75
CA ALA A 295 20.06 -13.82 -23.00
C ALA A 295 20.66 -14.36 -21.71
N ARG A 296 21.08 -13.46 -20.81
CA ARG A 296 21.72 -13.88 -19.57
C ARG A 296 20.71 -14.51 -18.61
N VAL A 297 19.48 -14.01 -18.59
CA VAL A 297 18.51 -14.43 -17.57
C VAL A 297 17.63 -15.56 -18.06
N LEU A 298 17.24 -15.54 -19.34
CA LEU A 298 16.24 -16.48 -19.86
C LEU A 298 16.92 -17.74 -20.40
N VAL A 299 17.41 -18.55 -19.45
CA VAL A 299 18.28 -19.69 -19.80
C VAL A 299 17.52 -20.97 -20.06
N ASP A 300 16.20 -20.98 -19.88
CA ASP A 300 15.37 -22.17 -20.05
C ASP A 300 14.51 -22.06 -21.30
N PRO A 301 13.91 -23.17 -21.74
CA PRO A 301 13.06 -23.11 -22.94
C PRO A 301 11.90 -22.14 -22.84
N VAL A 302 11.28 -21.99 -21.68
CA VAL A 302 10.29 -20.92 -21.50
C VAL A 302 10.63 -20.19 -20.21
N PRO A 303 10.25 -18.93 -20.07
CA PRO A 303 10.59 -18.21 -18.85
C PRO A 303 9.76 -18.69 -17.67
N SER A 304 10.42 -18.74 -16.52
CA SER A 304 9.76 -18.93 -15.24
C SER A 304 9.26 -17.58 -14.72
N TYR A 305 8.35 -17.66 -13.73
CA TYR A 305 7.90 -16.44 -13.06
C TYR A 305 9.07 -15.66 -12.47
N LYS A 306 9.97 -16.35 -11.77
CA LYS A 306 11.10 -15.68 -11.11
C LYS A 306 12.04 -15.04 -12.12
N GLN A 307 12.26 -15.70 -13.26
CA GLN A 307 13.12 -15.12 -14.29
C GLN A 307 12.55 -13.81 -14.81
N VAL A 308 11.23 -13.74 -14.99
CA VAL A 308 10.63 -12.50 -15.44
C VAL A 308 10.87 -11.41 -14.41
N LYS A 309 10.73 -11.74 -13.13
CA LYS A 309 11.05 -10.79 -12.08
C LYS A 309 12.50 -10.35 -12.10
N GLN A 310 13.42 -11.14 -12.69
CA GLN A 310 14.83 -10.79 -12.71
C GLN A 310 15.20 -9.97 -13.94
N LEU A 311 14.24 -9.73 -14.84
CA LEU A 311 14.51 -8.92 -16.03
C LEU A 311 14.46 -7.43 -15.68
N LYS A 312 15.45 -6.99 -14.88
CA LYS A 312 15.43 -5.64 -14.33
C LYS A 312 15.47 -4.58 -15.43
N TYR A 313 16.41 -4.71 -16.38
CA TYR A 313 16.57 -3.69 -17.40
C TYR A 313 15.38 -3.69 -18.35
N VAL A 314 14.82 -4.87 -18.66
CA VAL A 314 13.60 -4.88 -19.46
C VAL A 314 12.51 -4.10 -18.75
N GLY A 315 12.39 -4.27 -17.45
CA GLY A 315 11.44 -3.49 -16.68
C GLY A 315 11.70 -2.00 -16.77
N MET A 316 12.97 -1.62 -16.76
CA MET A 316 13.33 -0.20 -16.88
C MET A 316 12.94 0.33 -18.26
N VAL A 317 13.19 -0.48 -19.30
CA VAL A 317 12.76 -0.10 -20.65
C VAL A 317 11.27 0.20 -20.68
N LEU A 318 10.47 -0.67 -20.05
CA LEU A 318 9.02 -0.47 -20.07
C LEU A 318 8.62 0.78 -19.31
N ASN A 319 9.23 1.04 -18.16
CA ASN A 319 8.88 2.26 -17.42
C ASN A 319 9.27 3.51 -18.20
N GLU A 320 10.39 3.46 -18.94
CA GLU A 320 10.80 4.62 -19.71
C GLU A 320 9.89 4.83 -20.92
N ALA A 321 9.32 3.73 -21.47
CA ALA A 321 8.28 3.88 -22.49
C ALA A 321 7.01 4.51 -21.92
N LEU A 322 6.61 4.07 -20.72
CA LEU A 322 5.48 4.68 -20.05
C LEU A 322 5.77 6.13 -19.64
N ARG A 323 7.04 6.47 -19.38
CA ARG A 323 7.33 7.87 -19.08
C ARG A 323 7.00 8.75 -20.29
N LEU A 324 7.54 8.41 -21.47
CA LEU A 324 7.37 9.25 -22.65
C LEU A 324 5.95 9.18 -23.21
N TRP A 325 5.36 7.99 -23.28
CA TRP A 325 4.03 7.84 -23.88
C TRP A 325 3.16 6.98 -22.99
N PRO A 326 2.73 7.50 -21.85
CA PRO A 326 1.81 6.73 -21.00
C PRO A 326 0.53 6.44 -21.76
N THR A 327 0.16 5.15 -21.88
CA THR A 327 -0.83 4.84 -22.91
C THR A 327 -2.26 5.17 -22.49
N PHE A 328 -2.50 5.44 -21.21
CA PHE A 328 -3.74 6.07 -20.79
C PHE A 328 -3.36 7.47 -20.32
N PRO A 329 -3.43 8.47 -21.18
CA PRO A 329 -2.60 9.66 -20.98
C PRO A 329 -3.17 10.74 -20.06
N ALA A 330 -4.40 10.64 -19.60
CA ALA A 330 -4.92 11.67 -18.71
C ALA A 330 -5.92 11.05 -17.75
N PHE A 331 -5.98 11.57 -16.53
CA PHE A 331 -7.05 11.18 -15.63
C PHE A 331 -7.58 12.45 -14.97
N SER A 332 -8.82 12.35 -14.49
CA SER A 332 -9.59 13.51 -14.07
C SER A 332 -9.90 13.43 -12.58
N LEU A 333 -9.92 14.61 -11.92
CA LEU A 333 -10.14 14.74 -10.50
C LEU A 333 -11.12 15.88 -10.27
N TYR A 334 -11.82 15.84 -9.13
CA TYR A 334 -12.61 17.00 -8.68
C TYR A 334 -12.30 17.33 -7.23
N ALA A 335 -12.47 18.62 -6.89
CA ALA A 335 -12.20 19.13 -5.55
C ALA A 335 -13.30 18.72 -4.58
N LYS A 336 -12.92 18.08 -3.48
CA LYS A 336 -13.91 17.61 -2.54
C LYS A 336 -14.49 18.76 -1.72
N GLU A 337 -13.72 19.82 -1.55
CA GLU A 337 -14.11 21.00 -0.80
C GLU A 337 -13.44 22.19 -1.48
N ASP A 338 -13.88 23.41 -1.14
CA ASP A 338 -13.10 24.59 -1.50
C ASP A 338 -11.66 24.40 -1.05
N THR A 339 -10.72 24.77 -1.91
CA THR A 339 -9.32 24.66 -1.56
C THR A 339 -8.51 25.54 -2.49
N VAL A 340 -7.24 25.72 -2.16
CA VAL A 340 -6.31 26.49 -2.97
C VAL A 340 -5.22 25.57 -3.48
N LEU A 341 -5.00 25.62 -4.79
CA LEU A 341 -4.00 24.80 -5.46
C LEU A 341 -2.72 25.58 -5.62
N GLY A 342 -1.62 25.05 -5.09
CA GLY A 342 -0.30 25.61 -5.32
C GLY A 342 -0.08 26.95 -4.65
N GLY A 343 -0.84 27.24 -3.60
CA GLY A 343 -0.78 28.56 -2.99
C GLY A 343 -1.26 29.68 -3.87
N GLU A 344 -1.84 29.36 -5.03
CA GLU A 344 -2.04 30.36 -6.08
C GLU A 344 -3.38 30.30 -6.79
N TYR A 345 -4.04 29.14 -6.89
CA TYR A 345 -5.25 29.01 -7.71
C TYR A 345 -6.41 28.55 -6.86
N PRO A 346 -7.31 29.44 -6.46
CA PRO A 346 -8.44 29.01 -5.63
C PRO A 346 -9.42 28.17 -6.45
N LEU A 347 -9.86 27.07 -5.84
CA LEU A 347 -10.82 26.16 -6.43
C LEU A 347 -12.04 26.09 -5.54
N GLU A 348 -13.20 26.01 -6.16
CA GLU A 348 -14.45 25.72 -5.47
C GLU A 348 -14.72 24.22 -5.47
N LYS A 349 -15.35 23.74 -4.40
CA LYS A 349 -15.90 22.39 -4.36
C LYS A 349 -16.54 22.01 -5.67
N GLY A 350 -16.12 20.87 -6.23
CA GLY A 350 -16.65 20.38 -7.48
C GLY A 350 -15.82 20.73 -8.71
N ASP A 351 -14.91 21.70 -8.59
CA ASP A 351 -14.08 22.07 -9.74
C ASP A 351 -13.26 20.87 -10.21
N GLU A 352 -13.19 20.72 -11.53
CA GLU A 352 -12.52 19.59 -12.16
C GLU A 352 -11.07 19.90 -12.54
N LEU A 353 -10.21 18.89 -12.39
CA LEU A 353 -8.83 18.96 -12.85
C LEU A 353 -8.56 17.81 -13.81
N MET A 354 -7.67 18.05 -14.76
CA MET A 354 -7.18 17.00 -15.64
C MET A 354 -5.67 16.90 -15.48
N VAL A 355 -5.18 15.70 -15.18
CA VAL A 355 -3.74 15.46 -15.05
C VAL A 355 -3.25 15.03 -16.42
N LEU A 356 -2.37 15.82 -17.02
CA LEU A 356 -1.89 15.50 -18.37
C LEU A 356 -0.61 14.70 -18.21
N ILE A 357 -0.71 13.37 -18.14
CA ILE A 357 0.43 12.55 -17.74
C ILE A 357 1.66 12.74 -18.64
N PRO A 358 1.54 12.77 -19.97
CA PRO A 358 2.77 12.94 -20.78
C PRO A 358 3.52 14.20 -20.43
N GLN A 359 2.81 15.26 -20.03
CA GLN A 359 3.50 16.50 -19.67
C GLN A 359 4.13 16.43 -18.29
N LEU A 360 3.42 15.84 -17.32
CA LEU A 360 4.02 15.55 -16.03
C LEU A 360 5.35 14.84 -16.21
N HIS A 361 5.39 13.86 -17.12
CA HIS A 361 6.55 13.04 -17.33
C HIS A 361 7.66 13.74 -18.09
N ARG A 362 7.41 14.98 -18.53
CA ARG A 362 8.43 15.81 -19.18
C ARG A 362 8.80 17.01 -18.30
N ASP A 363 8.46 16.98 -17.02
CA ASP A 363 8.78 18.06 -16.08
C ASP A 363 10.29 18.14 -15.87
N LYS A 364 10.93 19.17 -16.45
CA LYS A 364 12.38 19.24 -16.40
C LYS A 364 12.91 19.41 -14.98
N THR A 365 12.12 19.99 -14.09
CA THR A 365 12.59 20.13 -12.71
C THR A 365 12.69 18.79 -12.01
N ILE A 366 12.01 17.76 -12.53
CA ILE A 366 12.08 16.42 -11.96
C ILE A 366 13.13 15.58 -12.67
N TRP A 367 13.09 15.57 -14.00
CA TRP A 367 13.83 14.61 -14.80
C TRP A 367 15.12 15.17 -15.37
N GLY A 368 15.35 16.48 -15.28
CA GLY A 368 16.47 17.07 -15.97
C GLY A 368 16.11 17.55 -17.36
N ASP A 369 17.12 18.06 -18.08
CA ASP A 369 16.82 18.73 -19.35
C ASP A 369 16.55 17.77 -20.49
N ASP A 370 17.09 16.56 -20.44
CA ASP A 370 17.02 15.61 -21.55
C ASP A 370 15.72 14.79 -21.58
N VAL A 371 14.57 15.39 -21.26
CA VAL A 371 13.34 14.62 -21.05
C VAL A 371 12.85 13.92 -22.30
N GLU A 372 13.29 14.34 -23.49
CA GLU A 372 12.83 13.66 -24.70
C GLU A 372 13.69 12.46 -25.05
N GLU A 373 14.82 12.26 -24.37
CA GLU A 373 15.68 11.12 -24.67
C GLU A 373 15.13 9.86 -24.01
N PHE A 374 15.31 8.73 -24.68
CA PHE A 374 14.89 7.43 -24.15
C PHE A 374 16.07 6.85 -23.38
N ARG A 375 16.01 6.92 -22.04
CA ARG A 375 17.10 6.48 -21.17
C ARG A 375 16.54 5.66 -20.03
N PRO A 376 16.47 4.33 -20.18
CA PRO A 376 15.90 3.48 -19.12
C PRO A 376 16.63 3.60 -17.79
N GLU A 377 17.89 4.00 -17.84
CA GLU A 377 18.69 4.15 -16.63
C GLU A 377 18.09 5.15 -15.63
N ARG A 378 17.14 5.97 -16.07
CA ARG A 378 16.45 6.89 -15.13
C ARG A 378 15.73 6.07 -14.05
N PHE A 379 15.46 4.81 -14.34
CA PHE A 379 14.68 3.94 -13.42
C PHE A 379 15.58 2.90 -12.74
N GLU A 380 16.90 3.14 -12.74
CA GLU A 380 17.85 2.22 -12.08
C GLU A 380 17.48 2.08 -10.60
N ASN A 381 17.14 3.21 -9.99
CA ASN A 381 16.74 3.23 -8.56
C ASN A 381 15.36 3.87 -8.49
N PRO A 382 14.28 3.07 -8.48
CA PRO A 382 12.91 3.60 -8.43
C PRO A 382 12.65 4.54 -7.24
N SER A 383 13.27 4.27 -6.09
CA SER A 383 13.15 5.09 -4.85
C SER A 383 13.58 6.55 -5.04
N ALA A 384 14.48 6.86 -6.00
CA ALA A 384 14.95 8.23 -6.29
C ALA A 384 13.85 9.08 -6.93
N ILE A 385 12.84 8.47 -7.53
CA ILE A 385 11.76 9.27 -8.17
C ILE A 385 10.87 9.89 -7.09
N PRO A 386 10.69 11.23 -7.08
CA PRO A 386 9.81 11.86 -6.09
C PRO A 386 8.35 11.39 -6.15
N GLN A 387 7.62 11.60 -5.06
CA GLN A 387 6.20 11.21 -5.01
C GLN A 387 5.41 11.93 -6.11
N HIS A 388 4.51 11.19 -6.77
CA HIS A 388 3.59 11.75 -7.77
C HIS A 388 4.31 12.32 -8.99
N ALA A 389 5.56 11.94 -9.23
CA ALA A 389 6.29 12.36 -10.43
C ALA A 389 6.06 11.45 -11.62
N PHE A 390 5.72 10.19 -11.37
CA PHE A 390 5.61 9.17 -12.41
C PHE A 390 4.29 8.47 -12.16
N LYS A 391 3.29 8.73 -13.01
CA LYS A 391 1.92 8.31 -12.71
C LYS A 391 1.22 7.65 -13.91
N PRO A 392 1.88 6.71 -14.59
CA PRO A 392 1.20 6.07 -15.73
C PRO A 392 0.02 5.20 -15.33
N PHE A 393 -0.09 4.83 -14.05
CA PHE A 393 -1.17 3.97 -13.57
C PHE A 393 -2.14 4.73 -12.66
N GLY A 394 -2.16 6.05 -12.74
CA GLY A 394 -3.13 6.80 -11.95
C GLY A 394 -2.70 6.98 -10.50
N ASN A 395 -3.71 7.18 -9.65
CA ASN A 395 -3.40 7.66 -8.30
C ASN A 395 -4.26 7.00 -7.23
N GLY A 396 -3.60 6.64 -6.11
CA GLY A 396 -4.29 6.36 -4.86
C GLY A 396 -5.18 5.12 -4.95
N GLN A 397 -6.32 5.18 -4.27
CA GLN A 397 -7.17 3.99 -4.29
C GLN A 397 -7.83 3.79 -5.63
N ARG A 398 -7.80 4.80 -6.51
CA ARG A 398 -8.34 4.65 -7.84
C ARG A 398 -7.23 4.39 -8.85
N ALA A 399 -6.05 3.96 -8.39
CA ALA A 399 -5.01 3.61 -9.34
C ALA A 399 -5.36 2.31 -10.08
N CYS A 400 -4.57 1.98 -11.09
CA CYS A 400 -4.88 0.83 -11.93
C CYS A 400 -4.79 -0.46 -11.13
N ILE A 401 -5.88 -1.23 -11.12
CA ILE A 401 -5.84 -2.52 -10.42
C ILE A 401 -4.95 -3.52 -11.14
N GLY A 402 -4.73 -3.35 -12.44
CA GLY A 402 -4.04 -4.31 -13.28
C GLY A 402 -2.58 -4.00 -13.51
N GLN A 403 -1.99 -3.07 -12.77
CA GLN A 403 -0.65 -2.59 -13.08
C GLN A 403 0.36 -3.75 -13.08
N GLN A 404 0.33 -4.58 -12.04
CA GLN A 404 1.30 -5.67 -11.97
C GLN A 404 1.06 -6.72 -13.06
N PHE A 405 -0.21 -6.93 -13.42
CA PHE A 405 -0.55 -7.85 -14.51
C PHE A 405 0.01 -7.33 -15.83
N ALA A 406 -0.19 -6.04 -16.10
CA ALA A 406 0.32 -5.48 -17.34
C ALA A 406 1.85 -5.55 -17.38
N LEU A 407 2.51 -5.21 -16.28
CA LEU A 407 3.97 -5.15 -16.36
C LEU A 407 4.57 -6.54 -16.42
N HIS A 408 3.92 -7.52 -15.77
CA HIS A 408 4.46 -8.87 -15.84
C HIS A 408 4.33 -9.43 -17.25
N GLU A 409 3.14 -9.28 -17.85
CA GLU A 409 2.93 -9.69 -19.22
C GLU A 409 3.91 -9.00 -20.16
N ALA A 410 4.02 -7.68 -20.07
CA ALA A 410 4.89 -6.96 -20.98
C ALA A 410 6.35 -7.35 -20.78
N THR A 411 6.77 -7.58 -19.53
CA THR A 411 8.16 -7.92 -19.30
C THR A 411 8.48 -9.31 -19.86
N LEU A 412 7.58 -10.27 -19.62
CA LEU A 412 7.69 -11.62 -20.16
C LEU A 412 7.81 -11.60 -21.69
N VAL A 413 6.88 -10.90 -22.35
CA VAL A 413 6.82 -10.92 -23.80
C VAL A 413 8.02 -10.21 -24.41
N LEU A 414 8.35 -9.03 -23.89
CA LEU A 414 9.49 -8.31 -24.43
C LEU A 414 10.78 -9.09 -24.18
N GLY A 415 10.91 -9.73 -23.01
CA GLY A 415 12.06 -10.59 -22.75
C GLY A 415 12.21 -11.70 -23.77
N MET A 416 11.12 -12.40 -24.06
CA MET A 416 11.18 -13.47 -25.05
C MET A 416 11.49 -12.93 -26.45
N MET A 417 10.90 -11.77 -26.79
CA MET A 417 11.18 -11.16 -28.08
C MET A 417 12.66 -10.88 -28.22
N LEU A 418 13.27 -10.31 -27.17
CA LEU A 418 14.68 -9.94 -27.20
C LEU A 418 15.58 -11.17 -27.20
N LYS A 419 15.15 -12.24 -26.53
CA LYS A 419 15.93 -13.47 -26.55
C LYS A 419 15.98 -14.07 -27.95
N HIS A 420 14.85 -14.03 -28.65
CA HIS A 420 14.66 -14.85 -29.84
C HIS A 420 14.95 -14.15 -31.16
N PHE A 421 14.96 -12.81 -31.21
CA PHE A 421 15.06 -12.13 -32.49
C PHE A 421 15.96 -10.90 -32.44
N ASP A 422 16.60 -10.63 -33.56
CA ASP A 422 17.16 -9.32 -33.85
C ASP A 422 16.12 -8.53 -34.62
N PHE A 423 16.00 -7.24 -34.32
CA PHE A 423 14.98 -6.39 -34.92
C PHE A 423 15.59 -5.33 -35.82
N GLU A 424 14.87 -4.99 -36.89
CA GLU A 424 15.30 -3.99 -37.85
C GLU A 424 14.21 -2.95 -38.01
N ASP A 425 14.58 -1.67 -37.84
CA ASP A 425 13.70 -0.56 -38.20
C ASP A 425 13.69 -0.51 -39.73
N HIS A 426 13.04 -1.51 -40.31
CA HIS A 426 13.08 -1.79 -41.75
C HIS A 426 12.72 -0.57 -42.59
N THR A 427 11.71 0.18 -42.15
CA THR A 427 11.20 1.29 -42.98
C THR A 427 11.55 2.67 -42.45
N ASN A 428 12.46 2.76 -41.47
CA ASN A 428 12.81 4.06 -40.86
C ASN A 428 11.49 4.75 -40.44
N TYR A 429 10.72 4.06 -39.62
CA TYR A 429 9.37 4.51 -39.22
C TYR A 429 9.41 5.89 -38.55
N GLU A 430 8.48 6.75 -38.97
CA GLU A 430 8.28 8.08 -38.37
C GLU A 430 7.11 7.94 -37.40
N LEU A 431 7.37 8.11 -36.11
CA LEU A 431 6.34 7.93 -35.05
C LEU A 431 5.05 8.68 -35.41
N ASP A 432 3.94 7.94 -35.44
CA ASP A 432 2.58 8.47 -35.72
C ASP A 432 1.70 7.88 -34.62
N ILE A 433 1.24 8.72 -33.71
CA ILE A 433 0.51 8.22 -32.54
C ILE A 433 -0.98 8.37 -32.76
N LYS A 434 -1.67 7.23 -32.84
CA LYS A 434 -3.12 7.21 -32.96
C LYS A 434 -3.76 7.35 -31.59
N GLU A 435 -4.83 8.13 -31.51
CA GLU A 435 -5.52 8.38 -30.25
C GLU A 435 -6.94 7.82 -30.33
N THR A 436 -7.29 6.99 -29.36
CA THR A 436 -8.63 6.45 -29.18
C THR A 436 -8.93 6.44 -27.70
N LEU A 437 -8.72 7.59 -27.05
CA LEU A 437 -8.76 7.75 -25.60
C LEU A 437 -7.44 7.23 -25.03
N THR A 438 -6.91 6.16 -25.62
CA THR A 438 -5.60 5.64 -25.30
C THR A 438 -4.68 5.94 -26.48
N LEU A 439 -3.38 5.74 -26.27
CA LEU A 439 -2.36 6.07 -27.26
C LEU A 439 -1.69 4.83 -27.82
N LYS A 440 -1.41 4.83 -29.13
CA LYS A 440 -0.70 3.69 -29.71
C LYS A 440 0.00 4.11 -30.99
N PRO A 441 1.19 3.61 -31.28
CA PRO A 441 1.77 3.86 -32.60
C PRO A 441 0.87 3.30 -33.67
N GLU A 442 0.78 4.02 -34.78
CA GLU A 442 0.04 3.53 -35.93
C GLU A 442 1.00 3.30 -37.08
N GLY A 443 0.86 2.17 -37.76
CA GLY A 443 1.66 1.92 -38.94
C GLY A 443 3.09 1.51 -38.66
N PHE A 444 3.40 1.13 -37.43
CA PHE A 444 4.75 0.75 -37.04
C PHE A 444 5.02 -0.69 -37.47
N VAL A 445 6.02 -0.88 -38.33
CA VAL A 445 6.41 -2.21 -38.77
C VAL A 445 7.89 -2.39 -38.49
N VAL A 446 8.28 -3.65 -38.24
CA VAL A 446 9.68 -4.04 -38.12
C VAL A 446 9.89 -5.32 -38.94
N LYS A 447 11.16 -5.71 -39.10
CA LYS A 447 11.51 -7.09 -39.43
C LYS A 447 12.29 -7.71 -38.29
N ALA A 448 12.07 -9.01 -38.08
CA ALA A 448 12.69 -9.74 -37.00
C ALA A 448 13.42 -10.94 -37.56
N LYS A 449 14.74 -10.99 -37.34
CA LYS A 449 15.57 -12.11 -37.77
C LYS A 449 15.79 -13.03 -36.59
N SER A 450 15.39 -14.29 -36.75
CA SER A 450 15.50 -15.26 -35.68
C SER A 450 16.96 -15.47 -35.30
N LYS A 451 17.23 -15.53 -33.99
CA LYS A 451 18.50 -16.01 -33.49
C LYS A 451 18.51 -17.54 -33.40
N LYS A 452 17.45 -18.16 -33.92
CA LYS A 452 17.27 -19.62 -33.98
C LYS A 452 17.56 -20.31 -32.65
N ILE A 453 16.85 -19.89 -31.61
CA ILE A 453 16.89 -20.53 -30.30
C ILE A 453 15.58 -21.28 -30.09
N PRO A 454 15.61 -22.62 -29.93
CA PRO A 454 14.36 -23.38 -29.85
C PRO A 454 13.53 -23.04 -28.62
N LEU A 455 12.22 -23.22 -28.75
CA LEU A 455 11.27 -22.96 -27.67
C LEU A 455 10.99 -24.19 -26.80
N MET B 5 6.31 -32.43 12.65
CA MET B 5 6.45 -30.99 12.76
C MET B 5 7.89 -30.61 13.12
N PRO B 6 8.48 -29.66 12.39
CA PRO B 6 9.85 -29.24 12.68
C PRO B 6 10.01 -28.76 14.13
N GLN B 7 11.24 -28.91 14.66
CA GLN B 7 11.57 -28.47 16.00
C GLN B 7 13.05 -28.09 16.10
N PRO B 8 13.39 -26.94 16.72
CA PRO B 8 14.80 -26.57 16.85
C PRO B 8 15.57 -27.45 17.84
N LYS B 9 16.87 -27.16 18.00
CA LYS B 9 17.78 -27.99 18.76
C LYS B 9 17.39 -28.08 20.24
N THR B 10 17.68 -29.23 20.85
CA THR B 10 17.26 -29.55 22.20
C THR B 10 18.43 -29.56 23.17
N PHE B 11 18.09 -29.51 24.45
CA PHE B 11 19.06 -29.51 25.54
C PHE B 11 18.66 -30.58 26.58
N GLY B 12 18.50 -31.82 26.10
CA GLY B 12 18.16 -32.89 27.04
C GLY B 12 16.78 -32.71 27.64
N GLU B 13 16.67 -32.87 28.97
CA GLU B 13 15.37 -32.73 29.60
C GLU B 13 14.87 -31.28 29.58
N LEU B 14 15.76 -30.32 29.31
CA LEU B 14 15.34 -28.93 29.16
C LEU B 14 14.65 -28.67 27.84
N LYS B 15 14.62 -29.67 26.94
CA LYS B 15 14.06 -29.55 25.61
C LYS B 15 14.56 -28.27 24.94
N ASN B 16 13.68 -27.37 24.55
CA ASN B 16 14.10 -26.16 23.84
C ASN B 16 14.31 -24.95 24.74
N LEU B 17 14.02 -25.04 26.03
CA LEU B 17 13.96 -23.83 26.85
C LEU B 17 15.26 -23.01 26.86
N PRO B 18 16.46 -23.60 26.90
CA PRO B 18 17.68 -22.75 26.89
C PRO B 18 17.84 -21.89 25.65
N LEU B 19 17.09 -22.16 24.57
CA LEU B 19 17.19 -21.27 23.41
C LEU B 19 16.68 -19.86 23.72
N LEU B 20 15.84 -19.73 24.73
CA LEU B 20 15.34 -18.44 25.19
C LEU B 20 16.26 -17.79 26.21
N ASN B 21 17.37 -18.46 26.57
CA ASN B 21 18.37 -17.91 27.49
C ASN B 21 19.28 -16.98 26.70
N THR B 22 18.69 -15.88 26.24
CA THR B 22 19.37 -14.94 25.37
C THR B 22 18.77 -13.56 25.59
N ASP B 23 19.56 -12.53 25.30
CA ASP B 23 19.04 -11.17 25.34
C ASP B 23 18.00 -10.93 24.26
N LYS B 24 18.02 -11.72 23.17
CA LYS B 24 17.23 -11.45 21.96
C LYS B 24 16.42 -12.68 21.52
N PRO B 25 15.47 -13.13 22.34
CA PRO B 25 14.75 -14.37 22.00
C PRO B 25 13.87 -14.27 20.76
N VAL B 26 13.20 -13.14 20.52
CA VAL B 26 12.38 -13.03 19.33
C VAL B 26 13.23 -13.13 18.06
N GLN B 27 14.39 -12.47 18.07
CA GLN B 27 15.25 -12.55 16.87
C GLN B 27 15.74 -13.99 16.71
N ALA B 28 15.94 -14.69 17.82
CA ALA B 28 16.37 -16.10 17.78
C ALA B 28 15.26 -16.96 17.14
N LEU B 29 14.01 -16.69 17.52
CA LEU B 29 12.86 -17.46 16.95
C LEU B 29 12.70 -17.13 15.47
N MET B 30 13.01 -15.90 15.07
CA MET B 30 12.91 -15.54 13.62
C MET B 30 13.92 -16.37 12.85
N LYS B 31 15.14 -16.49 13.37
CA LYS B 31 16.19 -17.31 12.71
C LYS B 31 15.68 -18.73 12.59
N ILE B 32 15.11 -19.27 13.67
CA ILE B 32 14.58 -20.66 13.63
C ILE B 32 13.48 -20.75 12.57
N ALA B 33 12.59 -19.75 12.49
CA ALA B 33 11.49 -19.75 11.52
C ALA B 33 12.04 -19.75 10.08
N ASP B 34 13.13 -19.05 9.84
CA ASP B 34 13.73 -19.03 8.47
C ASP B 34 14.24 -20.42 8.14
N GLU B 35 14.82 -21.10 9.12
CA GLU B 35 15.40 -22.45 8.94
C GLU B 35 14.31 -23.51 8.87
N LEU B 36 13.25 -23.40 9.67
CA LEU B 36 12.29 -24.48 9.76
C LEU B 36 10.98 -24.27 9.00
N GLY B 37 10.61 -23.03 8.68
CA GLY B 37 9.44 -22.79 7.85
C GLY B 37 8.24 -22.25 8.61
N GLU B 38 7.06 -22.45 8.03
CA GLU B 38 5.85 -21.76 8.43
C GLU B 38 5.33 -22.19 9.79
N ILE B 39 5.71 -23.36 10.29
CA ILE B 39 5.24 -23.82 11.60
C ILE B 39 6.32 -24.68 12.23
N PHE B 40 6.49 -24.52 13.54
CA PHE B 40 7.45 -25.33 14.28
C PHE B 40 7.02 -25.46 15.74
N LYS B 41 7.28 -26.63 16.31
CA LYS B 41 6.95 -26.90 17.71
C LYS B 41 8.08 -26.46 18.62
N PHE B 42 7.71 -25.96 19.80
CA PHE B 42 8.68 -25.50 20.75
C PHE B 42 8.28 -26.03 22.12
N GLU B 43 9.11 -26.89 22.69
CA GLU B 43 8.78 -27.52 23.96
C GLU B 43 9.73 -27.03 25.04
N ALA B 44 9.18 -26.89 26.23
CA ALA B 44 9.92 -26.61 27.45
C ALA B 44 9.39 -27.60 28.47
N PRO B 45 10.05 -27.75 29.62
CA PRO B 45 9.49 -28.63 30.65
C PRO B 45 8.06 -28.26 30.97
N GLY B 46 7.12 -29.18 30.73
CA GLY B 46 5.73 -28.93 31.07
C GLY B 46 5.00 -27.94 30.20
N ARG B 47 5.49 -27.67 28.99
CA ARG B 47 4.88 -26.66 28.14
C ARG B 47 5.17 -26.97 26.68
N VAL B 48 4.19 -26.71 25.81
CA VAL B 48 4.30 -26.85 24.37
C VAL B 48 3.62 -25.67 23.70
N THR B 49 4.27 -25.10 22.68
CA THR B 49 3.54 -24.20 21.78
C THR B 49 4.03 -24.38 20.37
N ARG B 50 3.24 -23.87 19.42
CA ARG B 50 3.55 -23.96 18.00
C ARG B 50 3.69 -22.55 17.44
N TYR B 51 4.85 -22.25 16.86
CA TYR B 51 5.11 -20.93 16.29
C TYR B 51 4.71 -20.89 14.83
N LEU B 52 3.86 -19.92 14.48
CA LEU B 52 3.33 -19.76 13.14
C LEU B 52 3.96 -18.55 12.47
N SER B 53 4.31 -18.69 11.19
CA SER B 53 5.01 -17.63 10.48
C SER B 53 4.40 -17.28 9.13
N SER B 54 3.47 -18.07 8.60
CA SER B 54 2.93 -17.84 7.27
C SER B 54 1.54 -17.25 7.38
N GLN B 55 1.20 -16.35 6.43
CA GLN B 55 -0.15 -15.82 6.34
C GLN B 55 -1.16 -16.95 6.14
N ARG B 56 -0.77 -18.01 5.44
CA ARG B 56 -1.69 -19.14 5.23
C ARG B 56 -2.20 -19.71 6.54
N LEU B 57 -1.30 -19.92 7.49
CA LEU B 57 -1.71 -20.53 8.75
C LEU B 57 -2.26 -19.48 9.73
N ILE B 58 -1.68 -18.28 9.72
CA ILE B 58 -2.08 -17.25 10.69
C ILE B 58 -3.50 -16.77 10.38
N LYS B 59 -3.88 -16.76 9.10
CA LYS B 59 -5.25 -16.41 8.74
C LYS B 59 -6.25 -17.35 9.40
N GLU B 60 -5.91 -18.64 9.52
CA GLU B 60 -6.78 -19.56 10.24
C GLU B 60 -6.72 -19.36 11.75
N ALA B 61 -5.52 -19.11 12.28
CA ALA B 61 -5.38 -18.85 13.71
C ALA B 61 -6.17 -17.64 14.17
N CYS B 62 -6.44 -16.70 13.26
CA CYS B 62 -7.17 -15.46 13.56
C CYS B 62 -8.68 -15.62 13.42
N ASP B 63 -9.16 -16.84 13.14
CA ASP B 63 -10.60 -17.12 13.10
C ASP B 63 -11.09 -17.24 14.53
N GLU B 64 -11.85 -16.25 14.99
CA GLU B 64 -12.22 -16.20 16.39
C GLU B 64 -13.21 -17.29 16.80
N SER B 65 -13.90 -17.92 15.84
CA SER B 65 -14.74 -19.04 16.21
C SER B 65 -13.91 -20.26 16.60
N ARG B 66 -12.65 -20.32 16.17
CA ARG B 66 -11.79 -21.49 16.41
C ARG B 66 -10.70 -21.25 17.44
N PHE B 67 -10.20 -20.02 17.58
CA PHE B 67 -9.10 -19.71 18.50
C PHE B 67 -9.39 -18.42 19.23
N ASP B 68 -8.98 -18.36 20.50
CA ASP B 68 -9.11 -17.20 21.37
C ASP B 68 -7.73 -16.75 21.81
N LYS B 69 -7.65 -15.52 22.31
CA LYS B 69 -6.39 -15.07 22.86
C LYS B 69 -5.94 -15.93 24.03
N ASN B 70 -4.67 -16.32 24.02
CA ASN B 70 -4.01 -17.02 25.11
C ASN B 70 -3.11 -16.06 25.88
N LEU B 71 -2.99 -16.30 27.19
CA LEU B 71 -1.93 -15.67 27.98
C LEU B 71 -0.71 -16.59 27.93
N SER B 72 0.30 -16.19 27.17
CA SER B 72 1.55 -16.91 27.14
C SER B 72 2.17 -16.93 28.54
N GLN B 73 3.22 -17.74 28.71
CA GLN B 73 3.90 -17.72 29.99
C GLN B 73 4.42 -16.33 30.31
N ALA B 74 4.90 -15.60 29.30
CA ALA B 74 5.33 -14.22 29.52
C ALA B 74 4.20 -13.37 30.07
N LEU B 75 3.00 -13.43 29.46
CA LEU B 75 1.92 -12.60 29.95
C LEU B 75 1.47 -13.03 31.34
N LYS B 76 1.51 -14.32 31.66
CA LYS B 76 1.14 -14.73 33.02
C LYS B 76 2.09 -14.13 34.05
N PHE B 77 3.39 -14.05 33.73
CA PHE B 77 4.33 -13.42 34.66
C PHE B 77 4.05 -11.92 34.80
N VAL B 78 3.77 -11.22 33.69
CA VAL B 78 3.53 -9.78 33.84
C VAL B 78 2.14 -9.51 34.41
N ARG B 79 1.23 -10.48 34.38
CA ARG B 79 -0.04 -10.34 35.09
C ARG B 79 0.17 -10.12 36.59
N ASP B 80 1.36 -10.44 37.12
CA ASP B 80 1.65 -10.07 38.51
C ASP B 80 1.51 -8.58 38.77
N PHE B 81 1.81 -7.71 37.80
CA PHE B 81 1.48 -6.29 37.97
C PHE B 81 0.37 -5.78 37.04
N PHE B 82 0.12 -6.44 35.90
CA PHE B 82 -0.97 -6.04 35.01
C PHE B 82 -2.34 -6.55 35.48
N GLY B 83 -2.39 -7.54 36.37
CA GLY B 83 -3.65 -8.02 36.92
C GLY B 83 -4.65 -8.42 35.85
N ASP B 84 -5.93 -8.11 36.08
CA ASP B 84 -6.93 -8.37 35.04
C ASP B 84 -7.31 -7.08 34.33
N GLY B 85 -6.30 -6.22 34.11
CA GLY B 85 -6.44 -5.15 33.13
C GLY B 85 -6.70 -5.72 31.76
N LEU B 86 -6.96 -4.82 30.80
CA LEU B 86 -7.42 -5.29 29.49
C LEU B 86 -6.43 -6.20 28.82
N PHE B 87 -5.13 -5.96 29.00
CA PHE B 87 -4.13 -6.69 28.24
C PHE B 87 -3.91 -8.12 28.75
N THR B 88 -4.02 -8.33 30.06
CA THR B 88 -3.74 -9.62 30.66
C THR B 88 -4.99 -10.33 31.18
N SER B 89 -6.18 -9.92 30.75
CA SER B 89 -7.36 -10.69 31.09
C SER B 89 -7.72 -11.68 29.99
N TRP B 90 -8.29 -12.81 30.39
CA TRP B 90 -8.88 -13.73 29.44
C TRP B 90 -10.18 -13.14 28.89
N THR B 91 -10.46 -13.46 27.64
CA THR B 91 -11.67 -12.95 27.00
C THR B 91 -12.93 -13.33 27.78
N HIS B 92 -12.91 -14.49 28.43
CA HIS B 92 -14.06 -14.97 29.17
C HIS B 92 -14.16 -14.43 30.61
N GLU B 93 -13.17 -13.67 31.12
CA GLU B 93 -13.34 -13.06 32.44
C GLU B 93 -14.26 -11.86 32.34
N LYS B 94 -15.15 -11.74 33.31
CA LYS B 94 -16.14 -10.66 33.32
C LYS B 94 -15.46 -9.31 33.12
N ASN B 95 -14.31 -9.11 33.76
CA ASN B 95 -13.70 -7.78 33.68
C ASN B 95 -13.13 -7.44 32.31
N TRP B 96 -12.90 -8.40 31.39
CA TRP B 96 -12.41 -8.00 30.07
C TRP B 96 -13.50 -7.24 29.30
N LYS B 97 -14.67 -7.86 29.08
CA LYS B 97 -15.64 -7.16 28.25
C LYS B 97 -16.17 -5.91 28.94
N LYS B 98 -16.25 -5.95 30.27
CA LYS B 98 -16.71 -4.75 31.02
C LYS B 98 -15.76 -3.58 30.71
N ALA B 99 -14.47 -3.78 30.91
CA ALA B 99 -13.51 -2.71 30.71
C ALA B 99 -13.42 -2.32 29.24
N HIS B 100 -13.49 -3.32 28.35
CA HIS B 100 -13.51 -3.05 26.91
C HIS B 100 -14.67 -2.14 26.52
N ASN B 101 -15.88 -2.44 27.00
CA ASN B 101 -17.03 -1.59 26.67
C ASN B 101 -16.88 -0.19 27.25
N ILE B 102 -16.37 -0.09 28.47
CA ILE B 102 -16.26 1.22 29.17
C ILE B 102 -15.15 2.08 28.54
N LEU B 103 -14.08 1.48 28.04
CA LEU B 103 -12.92 2.28 27.55
C LEU B 103 -12.91 2.45 26.02
N LEU B 104 -13.64 1.62 25.27
CA LEU B 104 -13.61 1.73 23.79
C LEU B 104 -13.93 3.15 23.32
N PRO B 105 -14.94 3.86 23.89
CA PRO B 105 -15.23 5.26 23.50
C PRO B 105 -14.15 6.32 23.77
N SER B 106 -13.13 5.99 24.57
CA SER B 106 -11.96 6.86 24.83
C SER B 106 -10.95 6.78 23.68
N PHE B 107 -11.17 5.92 22.69
CA PHE B 107 -10.30 5.75 21.50
C PHE B 107 -11.11 6.03 20.22
N SER B 108 -12.23 6.75 20.33
CA SER B 108 -13.05 7.13 19.16
C SER B 108 -12.47 8.37 18.48
N GLN B 109 -13.00 8.71 17.30
CA GLN B 109 -12.54 9.90 16.54
C GLN B 109 -12.74 11.15 17.40
N GLN B 110 -13.88 11.26 18.08
CA GLN B 110 -14.11 12.45 18.93
C GLN B 110 -13.02 12.49 20.01
N ALA B 111 -12.74 11.34 20.62
CA ALA B 111 -11.70 11.23 21.67
C ALA B 111 -10.35 11.69 21.12
N MET B 112 -9.95 11.19 19.94
CA MET B 112 -8.65 11.55 19.34
C MET B 112 -8.60 13.07 19.13
N LYS B 113 -9.68 13.66 18.63
CA LYS B 113 -9.73 15.13 18.46
C LYS B 113 -9.53 15.81 19.82
N GLY B 114 -10.08 15.23 20.88
CA GLY B 114 -9.90 15.80 22.19
C GLY B 114 -8.50 15.67 22.76
N TYR B 115 -7.79 14.60 22.39
CA TYR B 115 -6.42 14.40 22.87
C TYR B 115 -5.41 15.26 22.11
N HIS B 116 -5.77 15.73 20.92
CA HIS B 116 -4.78 16.24 19.99
C HIS B 116 -3.96 17.38 20.60
N ALA B 117 -4.62 18.32 21.27
CA ALA B 117 -3.89 19.49 21.79
C ALA B 117 -2.84 19.08 22.81
N MET B 118 -3.16 18.08 23.62
CA MET B 118 -2.19 17.62 24.65
C MET B 118 -1.03 16.86 23.96
N MET B 119 -1.33 16.10 22.92
CA MET B 119 -0.24 15.51 22.14
C MET B 119 0.69 16.59 21.60
N VAL B 120 0.12 17.68 21.08
CA VAL B 120 0.94 18.78 20.54
C VAL B 120 1.80 19.39 21.66
N ASP B 121 1.22 19.56 22.85
CA ASP B 121 1.97 20.09 23.99
C ASP B 121 3.26 19.31 24.19
N ILE B 122 3.19 17.98 24.21
CA ILE B 122 4.41 17.21 24.44
C ILE B 122 5.31 17.24 23.20
N ALA B 123 4.72 17.19 22.01
CA ALA B 123 5.54 17.19 20.79
C ALA B 123 6.34 18.47 20.68
N VAL B 124 5.72 19.59 21.04
CA VAL B 124 6.45 20.87 21.04
C VAL B 124 7.63 20.81 22.00
N GLN B 125 7.46 20.19 23.19
CA GLN B 125 8.61 20.06 24.10
C GLN B 125 9.75 19.27 23.44
N LEU B 126 9.44 18.19 22.69
CA LEU B 126 10.48 17.42 21.99
C LEU B 126 11.20 18.31 20.98
N VAL B 127 10.43 19.02 20.15
CA VAL B 127 11.06 19.87 19.12
C VAL B 127 11.90 20.96 19.76
N GLN B 128 11.38 21.58 20.83
CA GLN B 128 12.16 22.61 21.52
C GLN B 128 13.46 22.05 22.09
N LYS B 129 13.42 20.85 22.66
CA LYS B 129 14.66 20.26 23.17
C LYS B 129 15.70 20.20 22.07
N TRP B 130 15.30 19.70 20.90
CA TRP B 130 16.26 19.50 19.84
C TRP B 130 16.71 20.83 19.24
N GLU B 131 15.81 21.83 19.17
CA GLU B 131 16.18 23.14 18.66
C GLU B 131 17.23 23.79 19.54
N ARG B 132 17.25 23.41 20.82
CA ARG B 132 18.12 24.07 21.84
C ARG B 132 19.45 23.34 22.02
N LEU B 133 19.69 22.29 21.25
CA LEU B 133 20.99 21.57 21.39
C LEU B 133 22.10 22.42 20.77
N ASN B 134 23.34 22.20 21.22
CA ASN B 134 24.49 22.94 20.65
C ASN B 134 24.95 22.23 19.38
N ALA B 135 25.84 22.89 18.65
CA ALA B 135 26.38 22.44 17.35
C ALA B 135 26.67 20.94 17.25
N ASP B 136 27.63 20.40 17.98
CA ASP B 136 27.98 18.98 17.69
C ASP B 136 27.36 18.01 18.69
N GLU B 137 26.18 18.32 19.21
CA GLU B 137 25.55 17.43 20.21
C GLU B 137 24.74 16.33 19.52
N HIS B 138 24.75 15.13 20.12
CA HIS B 138 23.99 13.98 19.63
C HIS B 138 22.61 13.92 20.28
N ILE B 139 21.68 13.27 19.57
CA ILE B 139 20.36 12.93 20.08
C ILE B 139 20.32 11.43 20.32
N GLU B 140 19.93 11.03 21.54
CA GLU B 140 19.70 9.62 21.88
C GLU B 140 18.24 9.32 21.57
N VAL B 141 18.00 8.64 20.45
CA VAL B 141 16.66 8.61 19.86
C VAL B 141 15.67 7.82 20.71
N PRO B 142 15.90 6.55 21.03
CA PRO B 142 14.87 5.84 21.83
C PRO B 142 14.64 6.46 23.18
N GLU B 143 15.68 7.05 23.80
CA GLU B 143 15.49 7.71 25.09
C GLU B 143 14.54 8.90 24.97
N ASP B 144 14.74 9.75 23.95
CA ASP B 144 13.84 10.88 23.76
C ASP B 144 12.45 10.46 23.26
N MET B 145 12.36 9.39 22.46
CA MET B 145 11.02 8.93 22.07
C MET B 145 10.26 8.41 23.28
N THR B 146 10.97 7.78 24.22
CA THR B 146 10.34 7.33 25.45
C THR B 146 9.93 8.50 26.35
N ARG B 147 10.74 9.57 26.39
CA ARG B 147 10.30 10.76 27.10
C ARG B 147 8.98 11.28 26.51
N LEU B 148 8.91 11.35 25.18
CA LEU B 148 7.73 11.88 24.52
C LEU B 148 6.52 10.97 24.74
N THR B 149 6.67 9.66 24.51
CA THR B 149 5.47 8.82 24.55
C THR B 149 4.96 8.66 25.98
N LEU B 150 5.87 8.52 26.97
CA LEU B 150 5.41 8.45 28.35
C LEU B 150 4.68 9.73 28.74
N ASP B 151 5.26 10.90 28.41
CA ASP B 151 4.57 12.14 28.76
C ASP B 151 3.22 12.25 28.07
N THR B 152 3.12 11.76 26.83
CA THR B 152 1.87 11.90 26.11
C THR B 152 0.74 11.06 26.74
N ILE B 153 1.01 9.78 27.06
CA ILE B 153 -0.07 8.99 27.66
C ILE B 153 -0.39 9.54 29.06
N GLY B 154 0.62 10.02 29.79
CA GLY B 154 0.36 10.59 31.11
C GLY B 154 -0.59 11.77 31.05
N LEU B 155 -0.35 12.69 30.12
CA LEU B 155 -1.11 13.92 30.01
C LEU B 155 -2.47 13.66 29.36
N CYS B 156 -2.47 12.99 28.20
CA CYS B 156 -3.73 12.78 27.48
C CYS B 156 -4.64 11.89 28.28
N GLY B 157 -4.08 10.84 28.90
CA GLY B 157 -4.91 9.84 29.54
C GLY B 157 -5.30 10.20 30.95
N PHE B 158 -4.41 10.87 31.67
CA PHE B 158 -4.54 10.97 33.12
C PHE B 158 -4.34 12.39 33.66
N ASN B 159 -4.15 13.36 32.77
CA ASN B 159 -3.85 14.75 33.16
C ASN B 159 -2.74 14.79 34.19
N TYR B 160 -1.73 13.94 33.99
CA TYR B 160 -0.58 13.82 34.88
C TYR B 160 0.69 14.10 34.09
N ARG B 161 1.57 14.97 34.62
CA ARG B 161 2.79 15.34 33.90
C ARG B 161 3.99 14.57 34.46
N PHE B 162 4.53 13.65 33.66
CA PHE B 162 5.75 12.96 34.03
C PHE B 162 6.95 13.89 33.92
N ASN B 163 6.82 14.94 33.10
CA ASN B 163 7.88 15.93 32.94
C ASN B 163 9.21 15.26 32.58
N SER B 164 9.16 14.29 31.64
CA SER B 164 10.37 13.57 31.32
C SER B 164 11.40 14.42 30.58
N PHE B 165 11.01 15.53 29.95
CA PHE B 165 12.02 16.36 29.30
C PHE B 165 12.76 17.23 30.29
N TYR B 166 12.37 17.21 31.57
CA TYR B 166 13.10 17.93 32.61
C TYR B 166 14.12 17.04 33.30
N ARG B 167 14.37 15.84 32.76
CA ARG B 167 15.24 14.85 33.37
C ARG B 167 16.29 14.39 32.38
N ASP B 168 17.51 14.22 32.85
CA ASP B 168 18.56 13.65 32.00
C ASP B 168 18.68 12.13 32.18
N GLN B 169 18.18 11.62 33.23
CA GLN B 169 18.06 10.21 33.54
C GLN B 169 16.66 9.73 33.19
N PRO B 170 16.47 8.42 32.93
CA PRO B 170 15.11 7.90 32.74
C PRO B 170 14.24 8.22 33.94
N HIS B 171 12.98 8.51 33.67
CA HIS B 171 12.03 8.65 34.74
C HIS B 171 12.03 7.38 35.60
N PRO B 172 11.96 7.50 36.93
CA PRO B 172 11.99 6.29 37.79
C PRO B 172 10.93 5.24 37.49
N PHE B 173 9.72 5.65 37.05
CA PHE B 173 8.73 4.69 36.59
C PHE B 173 9.29 3.84 35.45
N ILE B 174 10.00 4.47 34.52
CA ILE B 174 10.58 3.77 33.38
C ILE B 174 11.60 2.74 33.84
N THR B 175 12.50 3.13 34.76
CA THR B 175 13.55 2.22 35.20
C THR B 175 12.98 0.96 35.83
N SER B 176 11.96 1.10 36.67
CA SER B 176 11.35 -0.07 37.30
C SER B 176 10.56 -0.88 36.29
N MET B 177 9.85 -0.20 35.37
CA MET B 177 9.13 -0.90 34.30
C MET B 177 10.05 -1.80 33.49
N VAL B 178 11.18 -1.27 33.02
CA VAL B 178 12.06 -2.09 32.17
C VAL B 178 12.60 -3.26 32.97
N ARG B 179 12.94 -3.04 34.24
CA ARG B 179 13.46 -4.11 35.08
C ARG B 179 12.40 -5.18 35.31
N ALA B 180 11.16 -4.75 35.57
CA ALA B 180 10.08 -5.71 35.81
C ALA B 180 9.80 -6.53 34.57
N LEU B 181 9.72 -5.87 33.41
CA LEU B 181 9.54 -6.58 32.15
C LEU B 181 10.70 -7.52 31.87
N ASP B 182 11.94 -7.06 32.07
CA ASP B 182 13.09 -7.89 31.72
C ASP B 182 13.17 -9.12 32.62
N GLU B 183 12.76 -8.99 33.88
CA GLU B 183 12.71 -10.15 34.77
C GLU B 183 11.74 -11.21 34.24
N ALA B 184 10.62 -10.77 33.66
CA ALA B 184 9.63 -11.71 33.08
C ALA B 184 10.26 -12.43 31.89
N MET B 185 10.93 -11.70 31.00
CA MET B 185 11.57 -12.34 29.81
C MET B 185 12.69 -13.26 30.30
N ASN B 186 13.44 -12.81 31.32
CA ASN B 186 14.56 -13.59 31.90
C ASN B 186 14.03 -14.89 32.51
N LYS B 187 12.91 -14.80 33.24
CA LYS B 187 12.31 -15.94 33.98
C LYS B 187 11.69 -17.01 33.05
N LEU B 188 11.51 -16.73 31.75
CA LEU B 188 11.07 -17.77 30.79
C LEU B 188 12.31 -18.62 30.49
N GLN B 189 13.48 -17.99 30.53
CA GLN B 189 14.84 -18.54 30.27
C GLN B 189 14.81 -19.69 29.28
N PRO B 196 12.96 -20.94 44.58
CA PRO B 196 14.34 -21.41 44.38
C PRO B 196 15.34 -20.53 45.15
N ALA B 197 16.60 -20.52 44.74
CA ALA B 197 17.64 -19.72 45.45
C ALA B 197 17.91 -18.40 44.72
N TYR B 198 16.85 -17.60 44.48
CA TYR B 198 16.86 -16.29 43.78
C TYR B 198 16.14 -15.24 44.64
N ASP B 199 16.42 -15.19 45.96
CA ASP B 199 15.71 -14.28 46.90
C ASP B 199 15.91 -12.78 46.62
N GLU B 200 16.95 -12.38 45.89
CA GLU B 200 17.16 -10.93 45.61
C GLU B 200 16.31 -10.47 44.42
N ASN B 201 16.40 -11.18 43.29
CA ASN B 201 15.63 -10.88 42.07
C ASN B 201 14.16 -10.63 42.45
N LYS B 202 13.55 -11.59 43.15
CA LYS B 202 12.13 -11.46 43.59
C LYS B 202 11.97 -10.21 44.46
N ARG B 203 12.92 -9.90 45.34
CA ARG B 203 12.84 -8.66 46.17
C ARG B 203 12.87 -7.43 45.27
N GLN B 204 13.68 -7.45 44.20
CA GLN B 204 13.78 -6.30 43.26
C GLN B 204 12.44 -6.15 42.55
N PHE B 205 11.94 -7.25 41.95
CA PHE B 205 10.64 -7.30 41.24
C PHE B 205 9.56 -6.62 42.10
N GLN B 206 9.43 -7.07 43.34
CA GLN B 206 8.40 -6.52 44.27
C GLN B 206 8.62 -5.02 44.47
N GLU B 207 9.88 -4.57 44.54
CA GLU B 207 10.13 -3.15 44.70
C GLU B 207 9.75 -2.37 43.44
N ASP B 208 10.08 -2.91 42.27
CA ASP B 208 9.71 -2.26 41.02
C ASP B 208 8.20 -2.19 40.87
N ILE B 209 7.48 -3.20 41.36
CA ILE B 209 6.03 -3.17 41.33
C ILE B 209 5.51 -2.10 42.29
N LYS B 210 6.14 -1.96 43.46
CA LYS B 210 5.73 -0.90 44.38
C LYS B 210 5.97 0.48 43.78
N VAL B 211 7.09 0.67 43.09
CA VAL B 211 7.34 1.94 42.40
C VAL B 211 6.17 2.28 41.47
N MET B 212 5.79 1.33 40.63
CA MET B 212 4.72 1.58 39.66
C MET B 212 3.40 1.85 40.36
N ASN B 213 3.09 1.07 41.39
CA ASN B 213 1.80 1.24 42.06
C ASN B 213 1.73 2.52 42.88
N ASP B 214 2.85 2.97 43.45
CA ASP B 214 2.87 4.28 44.11
C ASP B 214 2.53 5.40 43.13
N LEU B 215 3.05 5.34 41.91
CA LEU B 215 2.69 6.33 40.91
C LEU B 215 1.19 6.29 40.62
N VAL B 216 0.64 5.09 40.44
CA VAL B 216 -0.80 4.97 40.21
C VAL B 216 -1.57 5.63 41.35
N ASP B 217 -1.16 5.36 42.58
CA ASP B 217 -1.80 5.98 43.74
C ASP B 217 -1.76 7.50 43.65
N LYS B 218 -0.64 8.06 43.20
CA LYS B 218 -0.55 9.51 43.07
C LYS B 218 -1.49 10.04 42.00
N ILE B 219 -1.60 9.32 40.87
CA ILE B 219 -2.51 9.75 39.81
C ILE B 219 -3.95 9.78 40.30
N ILE B 220 -4.38 8.75 41.05
CA ILE B 220 -5.76 8.73 41.51
C ILE B 220 -5.99 9.83 42.53
N ALA B 221 -5.04 10.03 43.45
CA ALA B 221 -5.18 11.07 44.45
C ALA B 221 -5.32 12.45 43.81
N ASP B 222 -4.44 12.77 42.86
CA ASP B 222 -4.51 14.06 42.18
C ASP B 222 -5.84 14.27 41.48
N ARG B 223 -6.37 13.24 40.80
CA ARG B 223 -7.64 13.40 40.12
C ARG B 223 -8.77 13.73 41.10
N LYS B 224 -8.85 12.99 42.21
CA LYS B 224 -9.94 13.22 43.16
C LYS B 224 -9.77 14.59 43.83
N ALA B 225 -8.54 14.98 44.11
CA ALA B 225 -8.25 16.25 44.76
C ALA B 225 -8.13 17.39 43.75
N SER B 226 -8.62 17.19 42.53
CA SER B 226 -8.52 18.18 41.47
C SER B 226 -9.82 18.98 41.40
N GLY B 227 -9.70 20.30 41.41
CA GLY B 227 -10.85 21.17 41.23
C GLY B 227 -10.93 21.58 39.77
N GLU B 228 -10.59 20.63 38.89
CA GLU B 228 -10.58 20.84 37.45
C GLU B 228 -11.34 19.69 36.79
N GLN B 229 -12.21 20.03 35.85
CA GLN B 229 -13.07 19.06 35.17
C GLN B 229 -12.33 18.46 33.97
N SER B 230 -11.96 17.18 34.07
CA SER B 230 -11.40 16.45 32.94
C SER B 230 -12.44 15.47 32.39
N ASP B 231 -12.31 15.16 31.09
CA ASP B 231 -13.08 14.12 30.42
C ASP B 231 -12.10 13.27 29.61
N ASP B 232 -11.23 12.55 30.31
CA ASP B 232 -10.19 11.78 29.66
C ASP B 232 -10.34 10.29 29.99
N LEU B 233 -9.29 9.54 29.67
CA LEU B 233 -9.32 8.10 29.92
C LEU B 233 -9.58 7.81 31.39
N LEU B 234 -8.94 8.55 32.29
CA LEU B 234 -9.16 8.30 33.71
C LEU B 234 -10.59 8.64 34.14
N THR B 235 -11.17 9.69 33.54
CA THR B 235 -12.57 10.00 33.85
C THR B 235 -13.47 8.80 33.57
N HIS B 236 -13.26 8.13 32.44
CA HIS B 236 -14.10 7.00 32.06
C HIS B 236 -13.82 5.78 32.93
N MET B 237 -12.55 5.54 33.28
CA MET B 237 -12.23 4.49 34.23
C MET B 237 -12.99 4.68 35.53
N LEU B 238 -13.03 5.92 36.04
CA LEU B 238 -13.59 6.14 37.36
C LEU B 238 -15.11 6.25 37.36
N ASN B 239 -15.73 6.66 36.25
CA ASN B 239 -17.15 6.97 36.21
C ASN B 239 -17.97 6.15 35.24
N GLY B 240 -17.36 5.56 34.22
CA GLY B 240 -18.14 4.96 33.17
C GLY B 240 -18.79 3.67 33.61
N LYS B 241 -19.95 3.39 33.02
CA LYS B 241 -20.69 2.16 33.31
C LYS B 241 -20.75 1.34 32.04
N ASP B 242 -20.55 0.04 32.19
CA ASP B 242 -20.61 -0.87 31.06
C ASP B 242 -22.05 -0.94 30.57
N PRO B 243 -22.34 -0.64 29.32
CA PRO B 243 -23.75 -0.72 28.86
C PRO B 243 -24.35 -2.08 29.01
N GLU B 244 -23.55 -3.16 28.96
CA GLU B 244 -24.12 -4.50 28.99
C GLU B 244 -24.49 -4.92 30.40
N THR B 245 -23.55 -4.88 31.36
CA THR B 245 -23.85 -5.25 32.74
C THR B 245 -24.43 -4.10 33.56
N GLY B 246 -24.27 -2.86 33.12
CA GLY B 246 -24.67 -1.71 33.91
C GLY B 246 -23.74 -1.39 35.06
N GLU B 247 -22.58 -2.08 35.16
CA GLU B 247 -21.67 -1.91 36.30
C GLU B 247 -20.47 -1.04 35.91
N PRO B 248 -19.93 -0.30 36.87
CA PRO B 248 -18.66 0.40 36.64
C PRO B 248 -17.52 -0.54 37.02
N LEU B 249 -16.29 -0.11 36.70
CA LEU B 249 -15.14 -0.89 37.13
C LEU B 249 -14.97 -0.78 38.64
N ASP B 250 -14.47 -1.85 39.24
CA ASP B 250 -14.17 -1.72 40.67
C ASP B 250 -12.78 -1.14 40.89
N ASP B 251 -12.51 -0.75 42.14
CA ASP B 251 -11.29 -0.01 42.46
C ASP B 251 -10.05 -0.80 42.10
N GLU B 252 -10.04 -2.09 42.40
CA GLU B 252 -8.86 -2.88 42.13
C GLU B 252 -8.59 -2.96 40.64
N ASN B 253 -9.66 -3.17 39.84
CA ASN B 253 -9.47 -3.22 38.39
C ASN B 253 -8.97 -1.88 37.86
N ILE B 254 -9.49 -0.77 38.41
CA ILE B 254 -9.03 0.55 37.98
C ILE B 254 -7.52 0.66 38.08
N ARG B 255 -6.98 0.24 39.22
CA ARG B 255 -5.50 0.30 39.41
C ARG B 255 -4.80 -0.51 38.32
N TYR B 256 -5.32 -1.70 38.01
CA TYR B 256 -4.66 -2.49 36.97
C TYR B 256 -4.75 -1.82 35.61
N GLN B 257 -5.88 -1.15 35.32
CA GLN B 257 -6.01 -0.49 34.03
C GLN B 257 -5.04 0.68 33.92
N ILE B 258 -4.85 1.44 35.00
CA ILE B 258 -3.94 2.57 34.91
C ILE B 258 -2.51 2.10 34.62
N ILE B 259 -2.04 1.08 35.34
CA ILE B 259 -0.70 0.56 35.04
C ILE B 259 -0.64 0.02 33.62
N THR B 260 -1.68 -0.73 33.21
CA THR B 260 -1.69 -1.27 31.86
C THR B 260 -1.55 -0.19 30.81
N PHE B 261 -2.34 0.88 30.95
CA PHE B 261 -2.35 1.93 29.93
C PHE B 261 -1.08 2.80 29.97
N LEU B 262 -0.52 3.04 31.15
CA LEU B 262 0.75 3.80 31.20
C LEU B 262 1.86 3.06 30.47
N ILE B 263 1.90 1.74 30.60
CA ILE B 263 2.96 0.96 29.95
C ILE B 263 2.63 0.72 28.48
N ALA B 264 1.47 0.09 28.21
CA ALA B 264 1.08 -0.21 26.84
C ALA B 264 0.94 1.08 26.02
N GLY B 265 0.50 2.16 26.66
CA GLY B 265 0.23 3.41 25.96
C GLY B 265 1.47 4.17 25.55
N HIS B 266 2.67 3.72 25.96
CA HIS B 266 3.87 4.43 25.50
C HIS B 266 5.00 3.54 24.95
N GLU B 267 5.20 2.31 25.47
CA GLU B 267 6.44 1.59 25.15
C GLU B 267 6.54 1.25 23.66
N THR B 268 5.51 0.60 23.13
CA THR B 268 5.55 0.20 21.73
C THR B 268 5.53 1.38 20.77
N THR B 269 4.91 2.51 21.17
CA THR B 269 4.95 3.69 20.32
C THR B 269 6.35 4.31 20.31
N SER B 270 7.04 4.31 21.45
CA SER B 270 8.43 4.79 21.42
C SER B 270 9.30 3.91 20.53
N GLY B 271 9.07 2.60 20.59
CA GLY B 271 9.73 1.68 19.66
C GLY B 271 9.45 2.03 18.22
N LEU B 272 8.17 2.23 17.88
CA LEU B 272 7.79 2.55 16.49
C LEU B 272 8.50 3.80 16.01
N LEU B 273 8.44 4.87 16.80
CA LEU B 273 9.07 6.12 16.38
C LEU B 273 10.57 5.95 16.17
N SER B 274 11.24 5.20 17.05
CA SER B 274 12.68 4.96 16.92
C SER B 274 13.01 4.16 15.66
N PHE B 275 12.25 3.08 15.40
CA PHE B 275 12.50 2.33 14.17
C PHE B 275 12.21 3.18 12.94
N ALA B 276 11.13 3.97 12.98
CA ALA B 276 10.80 4.80 11.81
C ALA B 276 11.94 5.78 11.50
N LEU B 277 12.45 6.45 12.54
CA LEU B 277 13.56 7.38 12.31
C LEU B 277 14.80 6.66 11.81
N TYR B 278 15.06 5.46 12.35
CA TYR B 278 16.18 4.64 11.85
C TYR B 278 16.03 4.36 10.36
N PHE B 279 14.86 3.89 9.94
CA PHE B 279 14.72 3.55 8.53
C PHE B 279 14.79 4.78 7.65
N LEU B 280 14.27 5.91 8.12
CA LEU B 280 14.36 7.13 7.33
C LEU B 280 15.81 7.56 7.12
N VAL B 281 16.63 7.53 8.17
CA VAL B 281 18.01 7.99 7.96
C VAL B 281 18.83 6.98 7.16
N LYS B 282 18.44 5.71 7.14
CA LYS B 282 19.11 4.74 6.28
C LYS B 282 18.59 4.76 4.84
N ASN B 283 17.51 5.50 4.57
CA ASN B 283 16.85 5.49 3.26
C ASN B 283 16.56 6.93 2.87
N PRO B 284 17.60 7.69 2.49
CA PRO B 284 17.45 9.14 2.31
C PRO B 284 16.38 9.52 1.30
N HIS B 285 16.14 8.71 0.26
CA HIS B 285 15.10 9.08 -0.69
C HIS B 285 13.73 9.01 -0.05
N VAL B 286 13.52 8.04 0.85
CA VAL B 286 12.26 7.96 1.60
C VAL B 286 12.15 9.14 2.58
N LEU B 287 13.25 9.46 3.27
CA LEU B 287 13.24 10.62 4.16
C LEU B 287 12.87 11.89 3.41
N GLN B 288 13.43 12.07 2.20
CA GLN B 288 13.10 13.24 1.37
C GLN B 288 11.61 13.31 1.06
N LYS B 289 11.01 12.18 0.66
CA LYS B 289 9.57 12.16 0.36
C LYS B 289 8.75 12.50 1.59
N ALA B 290 9.11 11.93 2.73
CA ALA B 290 8.35 12.20 3.96
C ALA B 290 8.52 13.64 4.41
N ALA B 291 9.73 14.17 4.33
CA ALA B 291 9.96 15.57 4.68
C ALA B 291 9.24 16.51 3.73
N GLU B 292 9.18 16.19 2.44
CA GLU B 292 8.45 17.05 1.52
C GLU B 292 6.97 17.09 1.89
N GLU B 293 6.40 15.94 2.24
CA GLU B 293 5.01 15.93 2.66
C GLU B 293 4.80 16.76 3.92
N ALA B 294 5.67 16.58 4.92
CA ALA B 294 5.51 17.35 6.16
C ALA B 294 5.56 18.86 5.88
N ALA B 295 6.49 19.28 5.02
CA ALA B 295 6.60 20.71 4.73
C ALA B 295 5.37 21.22 3.99
N ARG B 296 4.85 20.44 3.05
CA ARG B 296 3.69 20.86 2.27
C ARG B 296 2.42 20.86 3.10
N VAL B 297 2.30 19.97 4.08
CA VAL B 297 1.04 19.79 4.80
C VAL B 297 1.00 20.61 6.09
N LEU B 298 2.12 20.69 6.80
CA LEU B 298 2.12 21.30 8.14
C LEU B 298 2.45 22.80 8.00
N VAL B 299 1.45 23.53 7.50
CA VAL B 299 1.68 24.92 7.10
C VAL B 299 1.51 25.92 8.24
N ASP B 300 1.06 25.47 9.42
CA ASP B 300 0.79 26.35 10.55
C ASP B 300 1.79 26.12 11.68
N PRO B 301 1.91 27.06 12.62
CA PRO B 301 2.91 26.88 13.70
C PRO B 301 2.75 25.60 14.50
N VAL B 302 1.53 25.13 14.74
CA VAL B 302 1.37 23.79 15.30
C VAL B 302 0.39 23.04 14.40
N PRO B 303 0.50 21.72 14.32
CA PRO B 303 -0.43 20.96 13.46
C PRO B 303 -1.83 20.88 14.06
N SER B 304 -2.80 20.89 13.16
CA SER B 304 -4.21 20.68 13.52
C SER B 304 -4.50 19.18 13.40
N TYR B 305 -5.62 18.74 13.96
CA TYR B 305 -5.99 17.31 13.84
C TYR B 305 -6.15 16.94 12.35
N LYS B 306 -6.80 17.81 11.58
CA LYS B 306 -7.04 17.58 10.13
C LYS B 306 -5.71 17.44 9.38
N GLN B 307 -4.72 18.27 9.71
CA GLN B 307 -3.42 18.21 9.02
C GLN B 307 -2.73 16.88 9.30
N VAL B 308 -2.83 16.38 10.54
CA VAL B 308 -2.19 15.09 10.83
C VAL B 308 -2.85 14.00 10.00
N LYS B 309 -4.19 14.03 9.89
CA LYS B 309 -4.88 13.04 9.04
C LYS B 309 -4.45 13.12 7.58
N GLN B 310 -3.87 14.25 7.16
CA GLN B 310 -3.46 14.47 5.78
C GLN B 310 -2.06 13.96 5.47
N LEU B 311 -1.31 13.55 6.48
CA LEU B 311 0.07 13.07 6.30
C LEU B 311 0.07 11.61 5.86
N LYS B 312 -0.38 11.37 4.63
CA LYS B 312 -0.51 10.01 4.13
C LYS B 312 0.82 9.28 4.10
N TYR B 313 1.85 9.94 3.54
CA TYR B 313 3.13 9.25 3.35
C TYR B 313 3.80 8.99 4.70
N VAL B 314 3.68 9.91 5.65
CA VAL B 314 4.21 9.63 6.98
C VAL B 314 3.53 8.39 7.55
N GLY B 315 2.22 8.27 7.34
CA GLY B 315 1.50 7.07 7.78
C GLY B 315 2.05 5.81 7.14
N MET B 316 2.39 5.90 5.85
CA MET B 316 2.98 4.76 5.15
C MET B 316 4.36 4.40 5.71
N VAL B 317 5.17 5.42 6.02
CA VAL B 317 6.46 5.19 6.68
C VAL B 317 6.26 4.42 7.99
N LEU B 318 5.29 4.83 8.79
CA LEU B 318 5.07 4.14 10.06
C LEU B 318 4.61 2.71 9.85
N ASN B 319 3.69 2.49 8.90
CA ASN B 319 3.24 1.11 8.68
C ASN B 319 4.35 0.23 8.15
N GLU B 320 5.26 0.79 7.32
CA GLU B 320 6.38 -0.02 6.83
C GLU B 320 7.40 -0.27 7.94
N ALA B 321 7.55 0.64 8.92
CA ALA B 321 8.36 0.32 10.09
C ALA B 321 7.72 -0.78 10.91
N LEU B 322 6.39 -0.71 11.09
CA LEU B 322 5.67 -1.78 11.78
C LEU B 322 5.72 -3.09 11.01
N ARG B 323 5.82 -3.06 9.68
CA ARG B 323 5.96 -4.32 8.95
C ARG B 323 7.28 -5.00 9.32
N LEU B 324 8.39 -4.28 9.18
CA LEU B 324 9.68 -4.91 9.42
C LEU B 324 9.89 -5.21 10.91
N TRP B 325 9.56 -4.28 11.81
CA TRP B 325 9.81 -4.49 13.24
C TRP B 325 8.58 -4.15 14.06
N PRO B 326 7.54 -4.98 14.01
CA PRO B 326 6.36 -4.77 14.85
C PRO B 326 6.75 -4.79 16.31
N THR B 327 6.47 -3.70 17.04
CA THR B 327 7.18 -3.54 18.31
C THR B 327 6.60 -4.39 19.43
N PHE B 328 5.41 -4.97 19.27
CA PHE B 328 4.96 -6.04 20.15
C PHE B 328 4.93 -7.27 19.26
N PRO B 329 6.01 -8.05 19.22
CA PRO B 329 6.26 -8.89 18.05
C PRO B 329 5.59 -10.26 18.05
N ALA B 330 4.92 -10.67 19.11
CA ALA B 330 4.29 -11.99 19.07
C ALA B 330 3.05 -11.95 19.95
N PHE B 331 2.00 -12.66 19.55
CA PHE B 331 0.85 -12.85 20.41
C PHE B 331 0.41 -14.31 20.34
N SER B 332 -0.31 -14.72 21.39
CA SER B 332 -0.55 -16.13 21.63
C SER B 332 -2.04 -16.43 21.54
N LEU B 333 -2.37 -17.64 21.08
CA LEU B 333 -3.74 -18.07 20.88
C LEU B 333 -3.87 -19.49 21.43
N TYR B 334 -5.10 -19.90 21.73
CA TYR B 334 -5.36 -21.30 22.06
C TYR B 334 -6.55 -21.82 21.28
N ALA B 335 -6.54 -23.13 21.01
CA ALA B 335 -7.65 -23.75 20.29
C ALA B 335 -8.86 -23.92 21.22
N LYS B 336 -10.00 -23.39 20.78
CA LYS B 336 -11.22 -23.47 21.58
C LYS B 336 -11.79 -24.88 21.58
N GLU B 337 -11.51 -25.63 20.51
CA GLU B 337 -11.95 -27.01 20.38
C GLU B 337 -10.90 -27.75 19.58
N ASP B 338 -10.97 -29.08 19.58
CA ASP B 338 -10.21 -29.85 18.60
C ASP B 338 -10.45 -29.31 17.19
N THR B 339 -9.37 -29.18 16.43
CA THR B 339 -9.48 -28.68 15.06
C THR B 339 -8.19 -29.03 14.33
N VAL B 340 -8.21 -28.91 13.01
CA VAL B 340 -7.05 -29.18 12.17
C VAL B 340 -6.59 -27.86 11.57
N LEU B 341 -5.31 -27.57 11.74
CA LEU B 341 -4.74 -26.32 11.23
C LEU B 341 -4.16 -26.58 9.84
N GLY B 342 -4.65 -25.84 8.85
CA GLY B 342 -4.04 -25.87 7.54
C GLY B 342 -4.22 -27.18 6.80
N GLY B 343 -5.25 -27.94 7.14
CA GLY B 343 -5.47 -29.25 6.56
C GLY B 343 -4.44 -30.30 6.92
N GLU B 344 -3.51 -30.01 7.82
CA GLU B 344 -2.36 -30.87 8.02
C GLU B 344 -1.97 -31.05 9.49
N TYR B 345 -2.29 -30.12 10.38
CA TYR B 345 -1.78 -30.15 11.75
C TYR B 345 -2.94 -30.26 12.72
N PRO B 346 -3.22 -31.45 13.23
CA PRO B 346 -4.33 -31.60 14.18
C PRO B 346 -3.97 -30.95 15.50
N LEU B 347 -4.95 -30.22 16.05
CA LEU B 347 -4.78 -29.59 17.36
C LEU B 347 -5.85 -30.11 18.30
N GLU B 348 -5.45 -30.31 19.55
CA GLU B 348 -6.38 -30.60 20.64
C GLU B 348 -6.83 -29.29 21.29
N LYS B 349 -8.08 -29.29 21.76
CA LYS B 349 -8.57 -28.23 22.65
C LYS B 349 -7.51 -27.82 23.66
N GLY B 350 -7.23 -26.52 23.73
CA GLY B 350 -6.25 -26.00 24.66
C GLY B 350 -4.86 -25.80 24.08
N ASP B 351 -4.54 -26.43 22.95
CA ASP B 351 -3.21 -26.29 22.37
C ASP B 351 -2.92 -24.81 22.06
N GLU B 352 -1.71 -24.37 22.35
CA GLU B 352 -1.33 -22.98 22.16
C GLU B 352 -0.61 -22.75 20.84
N LEU B 353 -0.88 -21.58 20.25
CA LEU B 353 -0.20 -21.08 19.05
C LEU B 353 0.46 -19.75 19.39
N MET B 354 1.58 -19.49 18.72
CA MET B 354 2.32 -18.25 18.86
C MET B 354 2.40 -17.66 17.46
N VAL B 355 1.92 -16.42 17.30
CA VAL B 355 1.99 -15.76 16.01
C VAL B 355 3.25 -14.92 16.00
N LEU B 356 4.17 -15.25 15.10
CA LEU B 356 5.45 -14.54 15.04
C LEU B 356 5.30 -13.42 14.01
N ILE B 357 4.90 -12.23 14.47
CA ILE B 357 4.53 -11.16 13.54
C ILE B 357 5.68 -10.78 12.60
N PRO B 358 6.92 -10.59 13.06
CA PRO B 358 7.96 -10.17 12.10
C PRO B 358 8.12 -11.18 10.97
N GLN B 359 7.86 -12.47 11.23
CA GLN B 359 7.94 -13.46 10.16
C GLN B 359 6.71 -13.42 9.26
N LEU B 360 5.51 -13.30 9.85
CA LEU B 360 4.32 -13.05 9.03
C LEU B 360 4.57 -11.93 8.04
N HIS B 361 5.20 -10.86 8.50
CA HIS B 361 5.41 -9.66 7.69
C HIS B 361 6.52 -9.80 6.66
N ARG B 362 7.23 -10.94 6.67
CA ARG B 362 8.25 -11.28 5.69
C ARG B 362 7.81 -12.47 4.81
N ASP B 363 6.51 -12.77 4.80
CA ASP B 363 5.98 -13.87 3.98
C ASP B 363 6.07 -13.49 2.51
N LYS B 364 7.01 -14.09 1.78
CA LYS B 364 7.26 -13.70 0.40
C LYS B 364 6.07 -14.01 -0.52
N THR B 365 5.24 -15.00 -0.16
CA THR B 365 4.09 -15.30 -1.00
C THR B 365 3.05 -14.18 -0.96
N ILE B 366 3.15 -13.30 0.03
CA ILE B 366 2.29 -12.12 0.16
C ILE B 366 2.97 -10.88 -0.39
N TRP B 367 4.19 -10.60 0.07
CA TRP B 367 4.81 -9.30 -0.14
C TRP B 367 5.76 -9.27 -1.34
N GLY B 368 6.06 -10.42 -1.93
CA GLY B 368 7.10 -10.47 -2.94
C GLY B 368 8.45 -10.78 -2.33
N ASP B 369 9.47 -10.82 -3.19
CA ASP B 369 10.75 -11.33 -2.73
C ASP B 369 11.57 -10.32 -1.93
N ASP B 370 11.32 -9.02 -2.09
CA ASP B 370 12.12 -7.96 -1.49
C ASP B 370 11.73 -7.61 -0.05
N VAL B 371 11.37 -8.59 0.78
CA VAL B 371 10.76 -8.30 2.08
C VAL B 371 11.64 -7.54 3.05
N GLU B 372 12.97 -7.53 2.86
CA GLU B 372 13.84 -6.82 3.80
C GLU B 372 14.03 -5.35 3.42
N GLU B 373 13.56 -4.93 2.25
CA GLU B 373 13.71 -3.54 1.83
C GLU B 373 12.65 -2.67 2.49
N PHE B 374 13.02 -1.43 2.81
CA PHE B 374 12.11 -0.46 3.43
C PHE B 374 11.44 0.35 2.31
N ARG B 375 10.19 0.03 2.02
CA ARG B 375 9.49 0.64 0.90
C ARG B 375 8.09 1.02 1.35
N PRO B 376 7.90 2.26 1.81
CA PRO B 376 6.57 2.67 2.29
C PRO B 376 5.49 2.50 1.23
N GLU B 377 5.88 2.53 -0.04
CA GLU B 377 4.93 2.45 -1.15
C GLU B 377 4.14 1.15 -1.15
N ARG B 378 4.59 0.10 -0.43
CA ARG B 378 3.77 -1.09 -0.22
C ARG B 378 2.39 -0.75 0.29
N PHE B 379 2.27 0.34 1.03
CA PHE B 379 1.04 0.71 1.74
C PHE B 379 0.29 1.85 1.05
N GLU B 380 0.68 2.19 -0.19
CA GLU B 380 0.03 3.30 -0.89
C GLU B 380 -1.43 3.01 -1.23
N ASN B 381 -1.83 1.73 -1.35
CA ASN B 381 -3.21 1.34 -1.66
C ASN B 381 -3.69 0.33 -0.62
N PRO B 382 -4.30 0.79 0.48
CA PRO B 382 -4.59 -0.10 1.63
C PRO B 382 -5.38 -1.38 1.36
N SER B 383 -6.41 -1.37 0.51
CA SER B 383 -7.20 -2.59 0.31
C SER B 383 -6.37 -3.71 -0.32
N ALA B 384 -5.26 -3.38 -0.96
CA ALA B 384 -4.42 -4.38 -1.59
C ALA B 384 -3.73 -5.29 -0.59
N ILE B 385 -3.73 -4.96 0.70
CA ILE B 385 -3.12 -5.85 1.68
C ILE B 385 -4.13 -6.93 2.06
N PRO B 386 -3.83 -8.20 1.82
CA PRO B 386 -4.79 -9.26 2.14
C PRO B 386 -5.12 -9.26 3.62
N GLN B 387 -6.31 -9.76 3.97
CA GLN B 387 -6.64 -9.83 5.38
C GLN B 387 -5.68 -10.77 6.08
N HIS B 388 -5.32 -10.40 7.31
CA HIS B 388 -4.44 -11.13 8.21
C HIS B 388 -3.01 -11.23 7.68
N ALA B 389 -2.66 -10.43 6.68
CA ALA B 389 -1.28 -10.36 6.22
C ALA B 389 -0.45 -9.39 7.04
N PHE B 390 -1.10 -8.40 7.65
CA PHE B 390 -0.39 -7.30 8.32
C PHE B 390 -1.07 -7.13 9.66
N LYS B 391 -0.39 -7.54 10.74
CA LYS B 391 -1.05 -7.61 12.04
C LYS B 391 -0.23 -7.04 13.20
N PRO B 392 0.35 -5.84 13.05
CA PRO B 392 1.15 -5.30 14.17
C PRO B 392 0.30 -4.97 15.39
N PHE B 393 -1.02 -4.88 15.25
CA PHE B 393 -1.87 -4.53 16.38
C PHE B 393 -2.71 -5.72 16.82
N GLY B 394 -2.32 -6.95 16.46
CA GLY B 394 -3.06 -8.11 16.97
C GLY B 394 -4.31 -8.38 16.15
N ASN B 395 -5.27 -9.08 16.78
CA ASN B 395 -6.36 -9.67 16.01
C ASN B 395 -7.71 -9.51 16.70
N GLY B 396 -8.71 -9.08 15.92
CA GLY B 396 -10.10 -9.29 16.29
C GLY B 396 -10.50 -8.50 17.53
N GLN B 397 -11.36 -9.10 18.36
CA GLN B 397 -11.83 -8.33 19.51
C GLN B 397 -10.72 -8.12 20.53
N ARG B 398 -9.62 -8.86 20.43
CA ARG B 398 -8.48 -8.68 21.32
C ARG B 398 -7.35 -7.90 20.66
N ALA B 399 -7.66 -7.19 19.56
CA ALA B 399 -6.64 -6.32 18.94
C ALA B 399 -6.37 -5.11 19.81
N CYS B 400 -5.38 -4.34 19.41
CA CYS B 400 -4.94 -3.24 20.26
C CYS B 400 -6.01 -2.17 20.35
N ILE B 401 -6.45 -1.86 21.57
CA ILE B 401 -7.45 -0.82 21.73
C ILE B 401 -6.86 0.55 21.41
N GLY B 402 -5.54 0.69 21.51
CA GLY B 402 -4.90 1.99 21.36
C GLY B 402 -4.34 2.27 19.98
N GLN B 403 -4.70 1.48 18.96
CA GLN B 403 -4.06 1.58 17.66
C GLN B 403 -4.17 2.99 17.09
N GLN B 404 -5.36 3.58 17.13
CA GLN B 404 -5.49 4.91 16.54
C GLN B 404 -4.77 5.97 17.35
N PHE B 405 -4.71 5.80 18.67
CA PHE B 405 -3.96 6.71 19.52
C PHE B 405 -2.48 6.66 19.20
N ALA B 406 -1.92 5.47 19.10
CA ALA B 406 -0.50 5.34 18.74
C ALA B 406 -0.21 5.95 17.37
N LEU B 407 -1.06 5.66 16.38
CA LEU B 407 -0.74 6.12 15.04
C LEU B 407 -0.93 7.62 14.94
N HIS B 408 -1.89 8.18 15.66
CA HIS B 408 -2.07 9.63 15.61
C HIS B 408 -0.89 10.34 16.25
N GLU B 409 -0.50 9.88 17.44
CA GLU B 409 0.67 10.43 18.10
C GLU B 409 1.90 10.31 17.21
N ALA B 410 2.16 9.11 16.71
CA ALA B 410 3.39 8.89 15.96
C ALA B 410 3.40 9.69 14.66
N THR B 411 2.24 9.83 14.00
CA THR B 411 2.21 10.60 12.76
C THR B 411 2.45 12.09 13.03
N LEU B 412 1.79 12.62 14.06
CA LEU B 412 1.98 14.01 14.48
C LEU B 412 3.45 14.30 14.76
N VAL B 413 4.06 13.45 15.58
CA VAL B 413 5.41 13.70 16.05
C VAL B 413 6.43 13.54 14.92
N LEU B 414 6.32 12.46 14.15
CA LEU B 414 7.25 12.28 13.03
C LEU B 414 7.09 13.39 12.01
N GLY B 415 5.85 13.81 11.76
CA GLY B 415 5.61 14.96 10.90
C GLY B 415 6.32 16.21 11.40
N MET B 416 6.16 16.53 12.68
CA MET B 416 6.81 17.72 13.22
C MET B 416 8.33 17.58 13.18
N MET B 417 8.85 16.38 13.46
CA MET B 417 10.29 16.18 13.40
C MET B 417 10.81 16.45 12.01
N LEU B 418 10.10 15.95 11.00
CA LEU B 418 10.54 16.09 9.62
C LEU B 418 10.39 17.51 9.12
N LYS B 419 9.38 18.23 9.60
CA LYS B 419 9.22 19.63 9.26
C LYS B 419 10.39 20.46 9.77
N HIS B 420 10.83 20.17 11.00
CA HIS B 420 11.70 21.08 11.73
C HIS B 420 13.19 20.80 11.60
N PHE B 421 13.60 19.59 11.22
CA PHE B 421 15.01 19.23 11.24
C PHE B 421 15.41 18.41 10.03
N ASP B 422 16.67 18.58 9.62
CA ASP B 422 17.37 17.62 8.77
C ASP B 422 18.12 16.65 9.68
N PHE B 423 18.11 15.37 9.31
CA PHE B 423 18.70 14.36 10.16
C PHE B 423 19.95 13.75 9.53
N GLU B 424 20.90 13.41 10.39
CA GLU B 424 22.16 12.80 9.96
C GLU B 424 22.43 11.52 10.75
N ASP B 425 22.72 10.43 10.04
CA ASP B 425 23.22 9.18 10.62
C ASP B 425 24.68 9.39 11.05
N HIS B 426 24.87 10.20 12.09
CA HIS B 426 26.17 10.70 12.53
C HIS B 426 27.20 9.59 12.74
N THR B 427 26.77 8.45 13.28
CA THR B 427 27.69 7.39 13.66
C THR B 427 27.65 6.18 12.74
N ASN B 428 26.91 6.23 11.64
CA ASN B 428 26.66 5.06 10.80
C ASN B 428 26.21 3.89 11.67
N TYR B 429 25.13 4.14 12.38
CA TYR B 429 24.67 3.21 13.42
C TYR B 429 24.35 1.84 12.83
N GLU B 430 24.80 0.79 13.53
CA GLU B 430 24.49 -0.60 13.17
C GLU B 430 23.30 -1.05 14.02
N LEU B 431 22.20 -1.43 13.36
CA LEU B 431 20.95 -1.73 14.08
C LEU B 431 21.17 -2.79 15.15
N ASP B 432 20.77 -2.45 16.38
CA ASP B 432 20.92 -3.31 17.55
C ASP B 432 19.58 -3.27 18.29
N ILE B 433 18.84 -4.37 18.23
CA ILE B 433 17.45 -4.37 18.72
C ILE B 433 17.40 -4.98 20.12
N LYS B 434 17.05 -4.16 21.09
CA LYS B 434 16.90 -4.62 22.48
C LYS B 434 15.50 -5.18 22.66
N GLU B 435 15.41 -6.28 23.41
CA GLU B 435 14.15 -6.97 23.63
C GLU B 435 13.74 -7.00 25.09
N THR B 436 12.46 -6.76 25.33
CA THR B 436 11.84 -7.07 26.62
C THR B 436 10.62 -7.89 26.21
N LEU B 437 9.40 -7.45 26.50
CA LEU B 437 8.32 -8.02 25.72
C LEU B 437 8.30 -7.41 24.33
N THR B 438 8.74 -6.17 24.25
CA THR B 438 8.72 -5.33 23.06
C THR B 438 10.13 -5.12 22.50
N LEU B 439 10.16 -4.53 21.30
CA LEU B 439 11.37 -4.30 20.53
C LEU B 439 11.68 -2.82 20.43
N LYS B 440 12.98 -2.49 20.50
CA LYS B 440 13.36 -1.08 20.35
C LYS B 440 14.82 -1.03 19.93
N PRO B 441 15.22 -0.12 19.04
CA PRO B 441 16.65 0.05 18.77
C PRO B 441 17.34 0.44 20.06
N GLU B 442 18.57 -0.07 20.24
CA GLU B 442 19.38 0.33 21.39
C GLU B 442 20.59 1.07 20.87
N GLY B 443 20.89 2.22 21.49
CA GLY B 443 22.08 2.99 21.15
C GLY B 443 21.97 3.78 19.87
N PHE B 444 20.76 3.96 19.35
CA PHE B 444 20.57 4.67 18.09
C PHE B 444 20.71 6.16 18.35
N VAL B 445 21.68 6.80 17.71
CA VAL B 445 21.89 8.23 17.86
C VAL B 445 21.85 8.88 16.50
N VAL B 446 21.37 10.13 16.46
CA VAL B 446 21.42 10.96 15.26
C VAL B 446 21.92 12.34 15.63
N LYS B 447 22.09 13.16 14.60
CA LYS B 447 22.36 14.60 14.74
C LYS B 447 21.20 15.29 14.00
N ALA B 448 20.60 16.33 14.58
CA ALA B 448 19.49 17.02 13.91
C ALA B 448 19.86 18.49 13.70
N LYS B 449 19.87 18.93 12.43
CA LYS B 449 20.16 20.34 12.08
C LYS B 449 18.83 21.06 11.90
N SER B 450 18.61 22.12 12.68
CA SER B 450 17.35 22.86 12.62
C SER B 450 17.14 23.47 11.23
N LYS B 451 15.89 23.50 10.77
CA LYS B 451 15.53 24.17 9.50
C LYS B 451 15.08 25.61 9.82
N LYS B 452 15.12 25.99 11.09
CA LYS B 452 14.82 27.34 11.62
C LYS B 452 13.38 27.75 11.31
N ILE B 453 12.43 26.86 11.62
CA ILE B 453 10.99 27.17 11.41
C ILE B 453 10.35 27.38 12.79
N PRO B 454 9.86 28.59 13.10
CA PRO B 454 9.28 28.89 14.42
C PRO B 454 8.07 28.02 14.79
N LEU B 455 7.89 27.80 16.10
CA LEU B 455 6.76 26.99 16.64
C LEU B 455 5.65 27.94 17.12
NAA 6VP C . -6.70 0.69 -17.87
CAE 6VP C . -7.14 0.86 -18.34
CAJ 6VP C . -8.11 1.22 -19.24
CAH 6VP C . -7.92 1.22 -20.63
CAI 6VP C . -9.33 1.58 -18.73
OAB 6VP C . -9.49 1.56 -17.39
CAF 6VP C . -10.36 1.93 -19.54
CAG 6VP C . -10.18 1.94 -20.91
CAK 6VP C . -8.97 1.60 -21.47
NAL 6VP C . -8.84 1.61 -22.81
OAD 6VP C . -9.71 2.01 -23.49
OAC 6VP C . -7.95 1.24 -23.26
CHA HEM D . -7.34 2.15 -13.88
CHB HEM D . -3.47 2.84 -16.80
CHC HEM D . -3.34 -1.97 -17.63
CHD HEM D . -7.64 -2.48 -15.41
C1A HEM D . -6.30 2.73 -14.58
C2A HEM D . -5.93 4.13 -14.52
C3A HEM D . -4.88 4.32 -15.33
C4A HEM D . -4.51 3.05 -15.92
CMA HEM D . -4.16 5.66 -15.59
CAA HEM D . -6.66 5.23 -13.69
CBA HEM D . -7.81 5.79 -14.53
CGA HEM D . -8.44 7.03 -13.91
O1A HEM D . -9.52 7.46 -14.41
O2A HEM D . -7.91 7.60 -12.92
C1B HEM D . -3.12 1.58 -17.26
C2B HEM D . -1.99 1.32 -18.10
C3B HEM D . -1.94 -0.02 -18.34
C4B HEM D . -3.05 -0.61 -17.63
CMB HEM D . -1.06 2.42 -18.60
CAB HEM D . -0.94 -0.84 -19.16
CBB HEM D . 0.32 -0.46 -19.41
C1C HEM D . -4.46 -2.50 -17.05
C2C HEM D . -4.74 -3.93 -16.95
C3C HEM D . -5.93 -4.08 -16.35
C4C HEM D . -6.44 -2.76 -16.04
CMC HEM D . -3.78 -5.04 -17.48
CAC HEM D . -6.70 -5.37 -15.99
CBC HEM D . -6.13 -6.58 -15.95
C1D HEM D . -7.93 -1.27 -14.79
C2D HEM D . -9.09 -1.00 -13.97
C3D HEM D . -9.01 0.28 -13.54
C4D HEM D . -7.78 0.85 -14.08
CMD HEM D . -10.21 -2.02 -13.69
CAD HEM D . -9.99 1.03 -12.61
CBD HEM D . -9.49 0.79 -11.17
CGD HEM D . -10.43 1.41 -10.15
O1D HEM D . -10.89 0.70 -9.22
O2D HEM D . -10.71 2.64 -10.30
NA HEM D . -5.40 2.09 -15.45
NB HEM D . -3.74 0.38 -17.02
NC HEM D . -5.51 -1.84 -16.47
ND HEM D . -7.15 -0.12 -14.83
FE HEM D . -5.44 0.13 -15.91
NI NI E . -9.42 -17.37 -5.47
NAA 6VP F . 0.22 -2.58 23.50
CAE 6VP F . 0.83 -2.87 24.19
CAJ 6VP F . 1.59 -3.32 25.23
CAH 6VP F . 2.92 -2.97 25.40
CAI 6VP F . 0.93 -4.12 26.15
OAB 6VP F . -0.40 -4.34 25.88
CAF 6VP F . 1.59 -4.63 27.26
CAG 6VP F . 2.92 -4.33 27.43
CAK 6VP F . 3.58 -3.52 26.51
NAL 6VP F . 4.84 -3.23 26.71
OAD 6VP F . 5.48 -3.79 27.83
OAC 6VP F . 5.35 -2.44 25.94
CHA HEM G . -3.25 -4.94 22.72
CHB HEM G . 0.43 -3.68 19.78
CHC HEM G . 0.03 0.92 21.19
CHD HEM G . -3.07 -0.50 24.70
C1A HEM G . -2.24 -5.00 21.77
C2A HEM G . -1.86 -6.17 21.00
C3A HEM G . -0.84 -5.83 20.18
C4A HEM G . -0.53 -4.42 20.42
CMA HEM G . -0.09 -6.74 19.16
CAA HEM G . -2.54 -7.56 21.14
CBA HEM G . -1.76 -8.32 22.21
CGA HEM G . -2.16 -9.79 22.35
O1A HEM G . -1.78 -10.46 23.35
O2A HEM G . -2.84 -10.32 21.45
C1B HEM G . 0.60 -2.31 19.88
C2B HEM G . 1.51 -1.54 19.11
C3B HEM G . 1.43 -0.25 19.49
C4B HEM G . 0.44 -0.20 20.52
CMB HEM G . 2.40 -2.19 18.04
CAB HEM G . 2.18 0.99 18.96
CBB HEM G . 2.78 1.08 17.75
C1C HEM G . -0.88 0.92 22.22
C2C HEM G . -1.36 2.12 22.88
C3C HEM G . -2.21 1.73 23.86
C4C HEM G . -2.30 0.28 23.83
CMC HEM G . -0.92 3.55 22.47
CAC HEM G . -3.02 2.60 24.86
CBC HEM G . -3.28 3.90 24.65
C1D HEM G . -3.38 -1.82 24.47
C2D HEM G . -4.31 -2.63 25.23
C3D HEM G . -4.34 -3.85 24.68
C4D HEM G . -3.46 -3.86 23.54
CMD HEM G . -5.06 -2.17 26.50
CAD HEM G . -5.21 -5.04 25.14
CBD HEM G . -6.53 -4.89 24.37
CGD HEM G . -7.55 -5.97 24.74
O1D HEM G . -8.70 -5.64 25.08
O2D HEM G . -7.22 -7.16 24.71
NA HEM G . -1.40 -3.97 21.41
NB HEM G . -0.02 -1.46 20.77
NC HEM G . -1.47 -0.17 22.84
ND HEM G . -2.89 -2.62 23.46
FE HEM G . -1.48 -2.05 22.07
NI NI H . -17.18 10.76 27.68
#